data_6IOH
#
_entry.id   6IOH
#
_cell.length_a   53.940
_cell.length_b   95.033
_cell.length_c   141.864
_cell.angle_alpha   90.000
_cell.angle_beta   90.000
_cell.angle_gamma   90.000
#
_symmetry.space_group_name_H-M   'P 21 21 21'
#
loop_
_entity.id
_entity.type
_entity.pdbx_description
1 polymer 'Homoserine O-acetyltransferase'
2 non-polymer L-HOMOSERINE
3 water water
#
_entity_poly.entity_id   1
_entity_poly.type   'polypeptide(L)'
_entity_poly.pdbx_seq_one_letter_code
;ATVPLPAEGEIGLVHIGALTLENGTVLPDVTIAVQRWGELAPDRGNVVMVLHALTGDSHVTGPAGDGHPTAGWWDGVAGP
GAPIDTDHWCAIATNVLGGCRGSTGPGSLAPDGKPWGSRFPQITIRDQVAADRAALAALGITEVAAVVGGSMGGARALEW
LVTHPDDVRAGLVLAVGARATADQIGTQSTQVAAIKADPDWQGGDYHGTGRAPTEGMEIARRFAHLTYRGEEELDDRFAN
TPQDDEDPLTGGRYAVQSYLEYQGGKLARRFDPGTYVVLSDALSSHDVGRGRGGVEAALRSCPVPVVVGGITSDRLYPIR
LQQELAELLPGCQGLDVVDSIYGHDGFLVETELVGKLIRRTLELAQRLEHHHHHH
;
_entity_poly.pdbx_strand_id   A,B
#
# COMPACT_ATOMS: atom_id res chain seq x y z
N ALA A 1 -1.04 -44.10 -17.36
CA ALA A 1 0.40 -43.72 -17.54
C ALA A 1 0.84 -42.87 -16.34
N THR A 2 1.92 -43.29 -15.70
CA THR A 2 2.40 -42.73 -14.42
C THR A 2 3.87 -42.36 -14.57
N VAL A 3 4.33 -41.30 -13.88
CA VAL A 3 5.76 -40.94 -13.69
C VAL A 3 6.09 -41.04 -12.20
N PRO A 4 7.32 -41.47 -11.83
CA PRO A 4 7.71 -41.56 -10.43
C PRO A 4 7.79 -40.18 -9.75
N LEU A 5 7.63 -40.18 -8.44
CA LEU A 5 8.09 -39.05 -7.59
C LEU A 5 9.60 -38.94 -7.72
N PRO A 6 10.14 -37.72 -7.71
CA PRO A 6 11.58 -37.55 -7.57
C PRO A 6 12.03 -37.98 -6.17
N ALA A 7 13.34 -38.18 -6.02
CA ALA A 7 13.99 -38.44 -4.73
C ALA A 7 13.64 -37.28 -3.79
N GLU A 8 13.50 -37.59 -2.51
CA GLU A 8 13.14 -36.59 -1.47
C GLU A 8 13.99 -35.36 -1.66
N GLY A 9 13.35 -34.20 -1.58
CA GLY A 9 14.02 -32.89 -1.66
C GLY A 9 14.37 -32.42 -3.06
N GLU A 10 14.48 -33.32 -4.05
CA GLU A 10 14.98 -33.02 -5.43
C GLU A 10 13.84 -32.49 -6.30
N ILE A 11 14.14 -31.57 -7.22
CA ILE A 11 13.10 -31.06 -8.16
C ILE A 11 12.89 -32.13 -9.23
N GLY A 12 11.65 -32.57 -9.42
CA GLY A 12 11.18 -33.30 -10.62
C GLY A 12 10.34 -32.40 -11.52
N LEU A 13 10.35 -32.69 -12.81
CA LEU A 13 9.52 -31.98 -13.82
C LEU A 13 8.44 -32.95 -14.30
N VAL A 14 7.18 -32.64 -14.03
CA VAL A 14 6.02 -33.46 -14.48
C VAL A 14 5.42 -32.80 -15.71
N HIS A 15 5.51 -33.46 -16.87
CA HIS A 15 4.93 -32.94 -18.16
C HIS A 15 3.48 -33.41 -18.19
N ILE A 16 2.52 -32.49 -18.24
CA ILE A 16 1.07 -32.78 -18.10
C ILE A 16 0.39 -32.60 -19.47
N GLY A 17 1.13 -32.19 -20.50
CA GLY A 17 0.54 -31.90 -21.82
C GLY A 17 -0.28 -30.63 -21.79
N ALA A 18 -1.32 -30.57 -22.63
CA ALA A 18 -2.12 -29.35 -22.87
C ALA A 18 -3.05 -29.11 -21.67
N LEU A 19 -3.29 -27.85 -21.32
CA LEU A 19 -4.20 -27.49 -20.20
C LEU A 19 -5.20 -26.46 -20.72
N THR A 20 -6.48 -26.79 -20.66
CA THR A 20 -7.58 -25.84 -20.97
C THR A 20 -7.74 -24.87 -19.79
N LEU A 21 -7.53 -23.57 -20.02
CA LEU A 21 -7.63 -22.53 -18.97
C LEU A 21 -9.08 -22.06 -18.86
N GLU A 22 -9.42 -21.46 -17.74
CA GLU A 22 -10.80 -21.02 -17.40
C GLU A 22 -11.32 -20.11 -18.51
N ASN A 23 -10.48 -19.27 -19.13
CA ASN A 23 -10.94 -18.30 -20.16
C ASN A 23 -11.01 -18.97 -21.56
N GLY A 24 -10.85 -20.30 -21.67
CA GLY A 24 -11.03 -21.06 -22.93
C GLY A 24 -9.76 -21.25 -23.74
N THR A 25 -8.68 -20.50 -23.46
CA THR A 25 -7.34 -20.69 -24.08
C THR A 25 -6.82 -22.10 -23.75
N VAL A 26 -6.24 -22.79 -24.72
CA VAL A 26 -5.57 -24.10 -24.47
C VAL A 26 -4.07 -23.83 -24.41
N LEU A 27 -3.44 -24.13 -23.27
CA LEU A 27 -1.99 -23.83 -23.08
C LEU A 27 -1.23 -25.11 -23.37
N PRO A 28 -0.45 -25.21 -24.47
CA PRO A 28 0.12 -26.48 -24.90
C PRO A 28 1.33 -26.83 -24.03
N ASP A 29 1.61 -28.12 -23.84
CA ASP A 29 2.91 -28.63 -23.35
C ASP A 29 3.30 -27.96 -22.00
N VAL A 30 2.46 -28.12 -20.98
CA VAL A 30 2.74 -27.53 -19.63
C VAL A 30 3.64 -28.50 -18.87
N THR A 31 4.63 -27.95 -18.18
CA THR A 31 5.49 -28.68 -17.21
C THR A 31 5.27 -28.06 -15.83
N ILE A 32 5.03 -28.90 -14.83
CA ILE A 32 4.97 -28.51 -13.39
C ILE A 32 6.15 -29.14 -12.65
N ALA A 33 6.93 -28.29 -12.00
CA ALA A 33 8.06 -28.70 -11.17
C ALA A 33 7.49 -29.09 -9.80
N VAL A 34 8.01 -30.17 -9.23
CA VAL A 34 7.49 -30.81 -7.99
C VAL A 34 8.69 -31.09 -7.07
N GLN A 35 8.51 -30.88 -5.77
CA GLN A 35 9.43 -31.41 -4.72
C GLN A 35 8.55 -32.16 -3.70
N ARG A 36 9.15 -33.14 -3.04
CA ARG A 36 8.37 -33.97 -2.08
C ARG A 36 9.29 -34.41 -0.94
N TRP A 37 8.68 -34.56 0.22
CA TRP A 37 9.28 -35.04 1.48
C TRP A 37 8.34 -36.08 2.05
N GLY A 38 8.94 -37.22 2.40
CA GLY A 38 8.21 -38.36 2.97
C GLY A 38 7.80 -39.36 1.89
N GLU A 39 7.59 -40.60 2.32
CA GLU A 39 7.27 -41.72 1.40
C GLU A 39 5.75 -41.72 1.17
N LEU A 40 5.37 -41.97 -0.06
CA LEU A 40 3.96 -42.11 -0.51
C LEU A 40 3.45 -43.45 0.02
N ALA A 41 2.35 -43.45 0.78
CA ALA A 41 1.75 -44.67 1.36
C ALA A 41 1.31 -45.58 0.23
N PRO A 42 1.29 -46.92 0.42
CA PRO A 42 0.89 -47.84 -0.64
C PRO A 42 -0.50 -47.55 -1.23
N ASP A 43 -1.49 -47.13 -0.42
CA ASP A 43 -2.84 -46.71 -0.89
C ASP A 43 -2.84 -45.25 -1.40
N ARG A 44 -1.72 -44.53 -1.31
CA ARG A 44 -1.60 -43.13 -1.78
C ARG A 44 -2.57 -42.22 -1.01
N GLY A 45 -2.92 -42.59 0.22
CA GLY A 45 -3.87 -41.82 1.05
C GLY A 45 -3.19 -40.85 1.99
N ASN A 46 -1.89 -40.55 1.84
CA ASN A 46 -1.14 -39.73 2.83
C ASN A 46 -0.53 -38.45 2.20
N VAL A 47 -1.03 -37.96 1.06
CA VAL A 47 -0.53 -36.74 0.37
C VAL A 47 -1.06 -35.47 1.05
N VAL A 48 -0.13 -34.61 1.44
CA VAL A 48 -0.39 -33.24 1.92
C VAL A 48 0.15 -32.33 0.81
N MET A 49 -0.77 -31.61 0.17
CA MET A 49 -0.45 -30.70 -0.96
C MET A 49 -0.13 -29.33 -0.32
N VAL A 50 1.15 -28.94 -0.33
CA VAL A 50 1.66 -27.65 0.24
C VAL A 50 1.71 -26.61 -0.89
N LEU A 51 0.93 -25.55 -0.78
CA LEU A 51 0.69 -24.56 -1.86
C LEU A 51 1.39 -23.26 -1.51
N HIS A 52 2.42 -22.91 -2.28
CA HIS A 52 3.22 -21.70 -2.01
C HIS A 52 2.46 -20.44 -2.42
N ALA A 53 2.94 -19.32 -1.89
CA ALA A 53 2.37 -17.98 -2.07
C ALA A 53 3.08 -17.26 -3.23
N LEU A 54 2.85 -15.96 -3.41
CA LEU A 54 3.27 -15.22 -4.64
C LEU A 54 4.73 -15.50 -5.03
N THR A 55 5.69 -15.38 -4.13
CA THR A 55 7.14 -15.44 -4.52
C THR A 55 7.76 -16.75 -4.01
N GLY A 56 6.94 -17.65 -3.47
CA GLY A 56 7.42 -18.99 -3.08
C GLY A 56 7.68 -19.86 -4.30
N ASP A 57 8.13 -21.09 -4.03
CA ASP A 57 8.41 -22.12 -5.06
C ASP A 57 8.11 -23.49 -4.44
N SER A 58 8.55 -24.56 -5.09
CA SER A 58 8.40 -25.96 -4.61
C SER A 58 9.23 -26.23 -3.34
N HIS A 59 10.18 -25.37 -2.96
CA HIS A 59 11.20 -25.63 -1.90
C HIS A 59 10.64 -25.24 -0.52
N VAL A 60 9.79 -26.11 0.05
CA VAL A 60 9.07 -25.87 1.33
C VAL A 60 10.09 -25.78 2.47
N THR A 61 11.05 -26.71 2.51
CA THR A 61 11.97 -26.86 3.67
C THR A 61 13.38 -27.25 3.17
N GLY A 62 14.39 -26.90 3.93
CA GLY A 62 15.79 -27.30 3.60
C GLY A 62 16.65 -26.08 3.32
N PRO A 63 17.97 -26.25 3.14
CA PRO A 63 18.86 -25.12 2.89
C PRO A 63 18.78 -24.60 1.45
N ALA A 64 19.27 -23.37 1.24
CA ALA A 64 19.66 -22.84 -0.09
C ALA A 64 20.77 -23.73 -0.66
N GLY A 65 21.17 -23.42 -1.90
CA GLY A 65 22.21 -24.15 -2.63
C GLY A 65 21.63 -25.28 -3.44
N ASP A 66 22.48 -25.86 -4.28
CA ASP A 66 22.14 -26.96 -5.23
C ASP A 66 20.94 -26.51 -6.09
N GLY A 67 20.99 -25.29 -6.61
CA GLY A 67 19.96 -24.72 -7.51
C GLY A 67 18.86 -23.96 -6.78
N HIS A 68 18.86 -23.92 -5.44
CA HIS A 68 17.85 -23.21 -4.62
C HIS A 68 18.45 -21.87 -4.18
N PRO A 69 17.93 -20.71 -4.64
CA PRO A 69 18.48 -19.41 -4.24
C PRO A 69 18.15 -19.04 -2.80
N THR A 70 17.14 -19.69 -2.18
CA THR A 70 16.70 -19.47 -0.78
C THR A 70 16.56 -20.80 -0.03
N ALA A 71 16.75 -20.78 1.28
CA ALA A 71 16.29 -21.86 2.18
C ALA A 71 14.78 -22.02 1.96
N GLY A 72 14.23 -23.16 2.34
CA GLY A 72 12.77 -23.46 2.25
C GLY A 72 11.94 -22.32 2.78
N TRP A 73 10.82 -22.00 2.13
CA TRP A 73 10.00 -20.86 2.55
C TRP A 73 9.27 -21.18 3.86
N TRP A 74 9.11 -22.45 4.22
CA TRP A 74 8.55 -22.90 5.52
C TRP A 74 9.56 -23.83 6.20
N ASP A 75 10.82 -23.41 6.22
CA ASP A 75 11.96 -24.25 6.71
C ASP A 75 11.64 -24.80 8.12
N GLY A 76 11.75 -26.12 8.33
CA GLY A 76 11.50 -26.80 9.61
C GLY A 76 10.05 -27.24 9.79
N VAL A 77 9.13 -26.74 8.97
CA VAL A 77 7.68 -27.04 9.10
C VAL A 77 7.41 -28.46 8.58
N ALA A 78 8.27 -28.95 7.69
CA ALA A 78 8.16 -30.31 7.15
C ALA A 78 9.43 -31.10 7.52
N GLY A 79 9.22 -32.38 7.83
CA GLY A 79 10.27 -33.36 8.16
C GLY A 79 9.76 -34.34 9.21
N PRO A 80 10.60 -35.34 9.57
CA PRO A 80 10.20 -36.39 10.50
C PRO A 80 9.74 -35.78 11.82
N GLY A 81 8.49 -36.02 12.20
CA GLY A 81 7.89 -35.52 13.45
C GLY A 81 7.72 -34.00 13.49
N ALA A 82 7.84 -33.31 12.35
CA ALA A 82 7.55 -31.87 12.24
C ALA A 82 6.04 -31.68 12.07
N PRO A 83 5.52 -30.45 12.13
CA PRO A 83 4.08 -30.22 11.96
C PRO A 83 3.51 -30.94 10.73
N ILE A 84 4.20 -30.86 9.59
CA ILE A 84 3.95 -31.82 8.46
C ILE A 84 4.90 -33.02 8.68
N ASP A 85 4.40 -34.07 9.36
CA ASP A 85 5.17 -35.26 9.80
C ASP A 85 5.45 -36.18 8.60
N THR A 86 6.63 -36.06 8.01
CA THR A 86 6.99 -36.79 6.77
C THR A 86 7.46 -38.21 7.10
N ASP A 87 7.27 -38.66 8.34
CA ASP A 87 7.35 -40.11 8.69
C ASP A 87 5.99 -40.75 8.39
N HIS A 88 4.89 -39.98 8.31
CA HIS A 88 3.50 -40.48 8.04
C HIS A 88 2.98 -39.91 6.72
N TRP A 89 3.31 -38.65 6.40
CA TRP A 89 2.73 -37.88 5.28
C TRP A 89 3.76 -37.79 4.16
N CYS A 90 3.26 -37.74 2.94
CA CYS A 90 4.03 -37.36 1.74
C CYS A 90 3.64 -35.91 1.37
N ALA A 91 4.51 -34.97 1.75
CA ALA A 91 4.36 -33.52 1.54
C ALA A 91 4.83 -33.21 0.12
N ILE A 92 3.92 -32.76 -0.74
CA ILE A 92 4.24 -32.45 -2.16
C ILE A 92 3.97 -30.97 -2.37
N ALA A 93 4.96 -30.27 -2.91
CA ALA A 93 4.80 -28.85 -3.33
C ALA A 93 5.11 -28.77 -4.81
N THR A 94 4.24 -28.05 -5.54
CA THR A 94 4.53 -27.66 -6.93
C THR A 94 5.13 -26.27 -6.94
N ASN A 95 5.75 -25.95 -8.06
CA ASN A 95 5.88 -24.54 -8.54
C ASN A 95 4.60 -24.23 -9.31
N VAL A 96 3.90 -23.19 -8.87
CA VAL A 96 2.57 -22.87 -9.44
C VAL A 96 2.75 -22.63 -10.94
N LEU A 97 1.72 -22.95 -11.72
CA LEU A 97 1.57 -22.51 -13.13
C LEU A 97 1.77 -21.00 -13.16
N GLY A 98 2.61 -20.52 -14.07
CA GLY A 98 2.98 -19.10 -14.16
C GLY A 98 4.29 -18.77 -13.48
N GLY A 99 4.89 -19.74 -12.77
CA GLY A 99 6.07 -19.52 -11.92
C GLY A 99 7.36 -19.41 -12.75
N CYS A 100 8.46 -19.18 -12.07
CA CYS A 100 9.79 -19.03 -12.73
C CYS A 100 10.80 -19.99 -12.10
N ARG A 101 10.35 -20.98 -11.33
CA ARG A 101 11.24 -21.92 -10.62
C ARG A 101 11.01 -23.35 -11.11
N GLY A 102 10.78 -23.53 -12.40
CA GLY A 102 10.75 -24.87 -13.03
C GLY A 102 9.48 -25.14 -13.78
N SER A 103 8.35 -24.57 -13.37
CA SER A 103 7.04 -24.70 -14.06
C SER A 103 6.89 -23.72 -15.23
N THR A 104 6.00 -24.06 -16.15
CA THR A 104 5.63 -23.27 -17.34
C THR A 104 5.13 -21.89 -16.88
N GLY A 105 5.79 -20.85 -17.37
CA GLY A 105 5.49 -19.43 -17.11
C GLY A 105 5.92 -18.59 -18.29
N PRO A 106 5.79 -17.26 -18.20
CA PRO A 106 6.14 -16.35 -19.29
C PRO A 106 7.58 -16.48 -19.77
N GLY A 107 8.51 -16.87 -18.90
CA GLY A 107 9.93 -17.07 -19.24
C GLY A 107 10.15 -18.37 -20.01
N SER A 108 9.19 -19.30 -20.00
CA SER A 108 9.35 -20.66 -20.58
C SER A 108 9.24 -20.56 -22.11
N LEU A 109 9.94 -21.41 -22.84
CA LEU A 109 9.91 -21.43 -24.33
C LEU A 109 8.55 -21.93 -24.80
N ALA A 110 7.85 -21.16 -25.64
CA ALA A 110 6.59 -21.57 -26.31
C ALA A 110 6.93 -22.54 -27.45
N PRO A 111 5.92 -23.22 -28.07
CA PRO A 111 6.16 -24.10 -29.22
C PRO A 111 6.93 -23.49 -30.41
N ASP A 112 6.86 -22.18 -30.61
CA ASP A 112 7.58 -21.45 -31.70
C ASP A 112 9.05 -21.23 -31.35
N GLY A 113 9.56 -21.77 -30.24
CA GLY A 113 10.99 -21.71 -29.84
C GLY A 113 11.38 -20.40 -29.16
N LYS A 114 10.44 -19.47 -29.00
CA LYS A 114 10.63 -18.17 -28.32
C LYS A 114 9.95 -18.21 -26.94
N PRO A 115 10.38 -17.41 -25.92
CA PRO A 115 9.65 -17.30 -24.65
C PRO A 115 8.17 -16.92 -24.80
N TRP A 116 7.27 -17.47 -23.96
CA TRP A 116 5.84 -17.07 -23.96
C TRP A 116 5.70 -15.54 -23.91
N GLY A 117 6.37 -14.89 -22.94
CA GLY A 117 6.31 -13.43 -22.78
C GLY A 117 4.88 -12.91 -22.91
N SER A 118 4.65 -11.96 -23.80
CA SER A 118 3.33 -11.31 -23.99
C SER A 118 2.32 -12.32 -24.52
N ARG A 119 2.73 -13.51 -24.95
CA ARG A 119 1.75 -14.51 -25.46
C ARG A 119 1.28 -15.42 -24.31
N PHE A 120 1.88 -15.35 -23.11
CA PHE A 120 1.45 -16.23 -21.99
C PHE A 120 0.03 -15.83 -21.66
N PRO A 121 -0.91 -16.78 -21.55
CA PRO A 121 -2.30 -16.42 -21.30
C PRO A 121 -2.52 -15.84 -19.90
N GLN A 122 -3.63 -15.15 -19.72
CA GLN A 122 -4.09 -14.75 -18.36
C GLN A 122 -4.58 -16.02 -17.65
N ILE A 123 -4.05 -16.30 -16.47
CA ILE A 123 -4.46 -17.49 -15.68
C ILE A 123 -5.14 -17.01 -14.38
N THR A 124 -5.97 -17.89 -13.84
CA THR A 124 -6.67 -17.69 -12.57
C THR A 124 -6.11 -18.67 -11.54
N ILE A 125 -6.60 -18.54 -10.32
CA ILE A 125 -6.31 -19.51 -9.24
C ILE A 125 -6.86 -20.88 -9.66
N ARG A 126 -8.03 -20.93 -10.31
CA ARG A 126 -8.62 -22.24 -10.70
C ARG A 126 -7.67 -22.91 -11.71
N ASP A 127 -7.09 -22.14 -12.62
CA ASP A 127 -6.06 -22.69 -13.55
C ASP A 127 -4.92 -23.31 -12.75
N GLN A 128 -4.52 -22.67 -11.64
CA GLN A 128 -3.36 -23.15 -10.86
C GLN A 128 -3.70 -24.51 -10.19
N VAL A 129 -4.90 -24.62 -9.61
CA VAL A 129 -5.47 -25.90 -9.08
C VAL A 129 -5.54 -26.94 -10.21
N ALA A 130 -6.02 -26.59 -11.39
CA ALA A 130 -6.15 -27.55 -12.51
C ALA A 130 -4.76 -28.09 -12.88
N ALA A 131 -3.74 -27.24 -12.94
CA ALA A 131 -2.38 -27.70 -13.31
C ALA A 131 -1.85 -28.60 -12.21
N ASP A 132 -2.10 -28.25 -10.95
CA ASP A 132 -1.58 -29.07 -9.81
C ASP A 132 -2.29 -30.43 -9.82
N ARG A 133 -3.62 -30.46 -9.99
CA ARG A 133 -4.41 -31.70 -10.12
C ARG A 133 -3.83 -32.61 -11.22
N ALA A 134 -3.56 -32.09 -12.41
CA ALA A 134 -3.00 -32.85 -13.56
C ALA A 134 -1.60 -33.35 -13.20
N ALA A 135 -0.78 -32.55 -12.50
CA ALA A 135 0.55 -33.00 -12.03
C ALA A 135 0.39 -34.18 -11.08
N LEU A 136 -0.52 -34.08 -10.09
CA LEU A 136 -0.74 -35.20 -9.14
C LEU A 136 -1.24 -36.40 -9.93
N ALA A 137 -2.12 -36.22 -10.92
CA ALA A 137 -2.68 -37.36 -11.68
C ALA A 137 -1.56 -38.05 -12.45
N ALA A 138 -0.62 -37.30 -13.02
CA ALA A 138 0.55 -37.84 -13.75
C ALA A 138 1.42 -38.68 -12.80
N LEU A 139 1.42 -38.40 -11.49
CA LEU A 139 2.19 -39.14 -10.46
C LEU A 139 1.32 -40.27 -9.89
N GLY A 140 0.14 -40.49 -10.46
CA GLY A 140 -0.82 -41.52 -10.00
C GLY A 140 -1.52 -41.16 -8.71
N ILE A 141 -1.53 -39.88 -8.31
CA ILE A 141 -2.28 -39.44 -7.11
C ILE A 141 -3.60 -38.82 -7.58
N THR A 142 -4.74 -39.32 -7.09
CA THR A 142 -6.10 -38.87 -7.50
C THR A 142 -6.82 -38.27 -6.29
N GLU A 143 -6.30 -38.51 -5.10
CA GLU A 143 -6.97 -38.11 -3.86
C GLU A 143 -5.92 -37.46 -2.97
N VAL A 144 -6.23 -36.35 -2.28
CA VAL A 144 -5.22 -35.80 -1.32
C VAL A 144 -5.83 -35.74 0.08
N ALA A 145 -4.99 -35.99 1.08
CA ALA A 145 -5.39 -35.99 2.50
C ALA A 145 -5.69 -34.56 2.93
N ALA A 146 -4.79 -33.62 2.61
CA ALA A 146 -4.91 -32.21 3.01
C ALA A 146 -4.23 -31.30 1.98
N VAL A 147 -4.90 -30.16 1.70
CA VAL A 147 -4.32 -28.95 1.06
C VAL A 147 -3.96 -27.94 2.14
N VAL A 148 -2.77 -27.34 2.07
CA VAL A 148 -2.31 -26.38 3.11
C VAL A 148 -1.62 -25.25 2.38
N GLY A 149 -2.04 -24.01 2.65
CA GLY A 149 -1.44 -22.81 2.03
C GLY A 149 -1.86 -21.53 2.75
N GLY A 150 -1.00 -20.52 2.67
CA GLY A 150 -1.26 -19.14 3.13
C GLY A 150 -1.23 -18.18 1.97
N SER A 151 -2.04 -17.12 1.99
CA SER A 151 -1.99 -16.02 0.97
C SER A 151 -2.43 -16.58 -0.41
N MET A 152 -1.64 -16.41 -1.48
CA MET A 152 -1.98 -17.03 -2.78
C MET A 152 -2.15 -18.55 -2.56
N GLY A 153 -1.38 -19.12 -1.61
CA GLY A 153 -1.45 -20.52 -1.22
C GLY A 153 -2.79 -20.86 -0.63
N GLY A 154 -3.32 -19.98 0.23
CA GLY A 154 -4.67 -20.09 0.80
C GLY A 154 -5.74 -20.04 -0.27
N ALA A 155 -5.57 -19.20 -1.30
CA ALA A 155 -6.53 -19.06 -2.42
C ALA A 155 -6.56 -20.38 -3.18
N ARG A 156 -5.37 -20.91 -3.45
CA ARG A 156 -5.16 -22.23 -4.12
C ARG A 156 -5.82 -23.33 -3.29
N ALA A 157 -5.55 -23.39 -1.97
CA ALA A 157 -6.12 -24.43 -1.08
C ALA A 157 -7.65 -24.30 -1.11
N LEU A 158 -8.19 -23.09 -1.04
CA LEU A 158 -9.66 -22.90 -0.89
C LEU A 158 -10.38 -23.32 -2.18
N GLU A 159 -9.88 -22.89 -3.35
CA GLU A 159 -10.42 -23.27 -4.67
C GLU A 159 -10.36 -24.78 -4.82
N TRP A 160 -9.28 -25.41 -4.36
CA TRP A 160 -9.11 -26.89 -4.37
C TRP A 160 -10.22 -27.54 -3.52
N LEU A 161 -10.48 -26.99 -2.33
CA LEU A 161 -11.46 -27.56 -1.37
C LEU A 161 -12.87 -27.44 -1.96
N VAL A 162 -13.18 -26.29 -2.53
CA VAL A 162 -14.53 -25.96 -3.07
C VAL A 162 -14.76 -26.70 -4.40
N THR A 163 -13.73 -26.82 -5.26
CA THR A 163 -13.85 -27.42 -6.63
C THR A 163 -13.87 -28.94 -6.54
N HIS A 164 -13.06 -29.53 -5.65
CA HIS A 164 -12.86 -30.99 -5.57
C HIS A 164 -13.11 -31.50 -4.16
N PRO A 165 -14.31 -31.23 -3.58
CA PRO A 165 -14.61 -31.58 -2.20
C PRO A 165 -14.62 -33.10 -1.97
N ASP A 166 -14.98 -33.86 -3.02
CA ASP A 166 -15.00 -35.34 -3.03
C ASP A 166 -13.57 -35.91 -3.07
N ASP A 167 -12.53 -35.11 -3.33
CA ASP A 167 -11.16 -35.62 -3.59
C ASP A 167 -10.10 -35.03 -2.62
N VAL A 168 -10.54 -34.41 -1.53
CA VAL A 168 -9.68 -33.80 -0.50
C VAL A 168 -10.36 -34.06 0.85
N ARG A 169 -9.60 -34.51 1.84
CA ARG A 169 -10.18 -34.85 3.18
C ARG A 169 -10.32 -33.59 4.04
N ALA A 170 -9.32 -32.69 4.00
CA ALA A 170 -9.30 -31.52 4.89
C ALA A 170 -8.41 -30.43 4.30
N GLY A 171 -8.55 -29.20 4.77
CA GLY A 171 -7.70 -28.07 4.34
C GLY A 171 -7.26 -27.20 5.51
N LEU A 172 -6.06 -26.63 5.42
CA LEU A 172 -5.69 -25.40 6.17
C LEU A 172 -5.68 -24.23 5.19
N VAL A 173 -6.54 -23.25 5.42
CA VAL A 173 -6.64 -21.98 4.66
C VAL A 173 -6.18 -20.85 5.58
N LEU A 174 -5.01 -20.26 5.31
CA LEU A 174 -4.36 -19.22 6.14
C LEU A 174 -4.31 -17.88 5.37
N ALA A 175 -4.61 -16.77 6.06
CA ALA A 175 -4.25 -15.39 5.67
C ALA A 175 -4.71 -15.16 4.21
N VAL A 176 -5.99 -15.44 3.95
CA VAL A 176 -6.64 -15.18 2.63
C VAL A 176 -8.13 -14.92 2.88
N GLY A 177 -8.81 -14.41 1.86
CA GLY A 177 -10.28 -14.24 1.82
C GLY A 177 -10.89 -15.15 0.77
N ALA A 178 -12.20 -15.17 0.71
CA ALA A 178 -13.00 -15.97 -0.23
C ALA A 178 -12.80 -15.42 -1.65
N ARG A 179 -12.60 -14.11 -1.76
CA ARG A 179 -12.40 -13.40 -3.05
C ARG A 179 -11.36 -12.31 -2.84
N ALA A 180 -10.68 -11.88 -3.89
CA ALA A 180 -9.93 -10.61 -3.94
C ALA A 180 -10.85 -9.47 -3.50
N THR A 181 -10.33 -8.58 -2.66
CA THR A 181 -10.99 -7.33 -2.22
C THR A 181 -10.51 -6.19 -3.10
N ALA A 182 -11.21 -5.06 -3.01
CA ALA A 182 -10.92 -3.84 -3.79
C ALA A 182 -9.49 -3.40 -3.47
N ASP A 183 -9.08 -3.45 -2.20
CA ASP A 183 -7.76 -2.96 -1.75
C ASP A 183 -6.69 -3.83 -2.40
N GLN A 184 -6.89 -5.15 -2.37
CA GLN A 184 -5.92 -6.16 -2.90
C GLN A 184 -5.80 -6.01 -4.41
N ILE A 185 -6.94 -5.90 -5.12
CA ILE A 185 -6.91 -5.60 -6.58
C ILE A 185 -6.24 -4.26 -6.84
N GLY A 186 -6.55 -3.24 -6.03
CA GLY A 186 -5.91 -1.93 -6.11
C GLY A 186 -4.40 -2.07 -6.15
N THR A 187 -3.83 -2.69 -5.13
CA THR A 187 -2.35 -2.75 -4.93
C THR A 187 -1.76 -3.73 -5.95
N GLN A 188 -2.39 -4.88 -6.19
CA GLN A 188 -1.92 -5.85 -7.23
C GLN A 188 -1.89 -5.18 -8.61
N SER A 189 -2.95 -4.47 -9.02
CA SER A 189 -2.97 -3.91 -10.41
C SER A 189 -1.94 -2.77 -10.49
N THR A 190 -1.67 -2.05 -9.38
CA THR A 190 -0.73 -0.91 -9.42
C THR A 190 0.70 -1.46 -9.40
N GLN A 191 0.95 -2.54 -8.68
CA GLN A 191 2.26 -3.26 -8.74
C GLN A 191 2.53 -3.70 -10.18
N VAL A 192 1.54 -4.29 -10.84
CA VAL A 192 1.67 -4.68 -12.28
C VAL A 192 2.00 -3.45 -13.12
N ALA A 193 1.25 -2.34 -12.96
CA ALA A 193 1.46 -1.09 -13.73
C ALA A 193 2.89 -0.57 -13.52
N ALA A 194 3.45 -0.72 -12.32
CA ALA A 194 4.83 -0.34 -11.98
C ALA A 194 5.81 -1.12 -12.87
N ILE A 195 5.61 -2.42 -13.03
CA ILE A 195 6.48 -3.30 -13.85
C ILE A 195 6.32 -2.89 -15.32
N LYS A 196 5.07 -2.77 -15.78
CA LYS A 196 4.72 -2.49 -17.19
C LYS A 196 5.16 -1.06 -17.58
N ALA A 197 5.38 -0.18 -16.61
CA ALA A 197 5.85 1.20 -16.86
C ALA A 197 7.37 1.23 -17.12
N ASP A 198 8.10 0.21 -16.67
CA ASP A 198 9.58 0.14 -16.82
C ASP A 198 9.87 -0.05 -18.31
N PRO A 199 10.75 0.77 -18.93
CA PRO A 199 11.01 0.69 -20.37
C PRO A 199 11.50 -0.70 -20.83
N ASP A 200 12.20 -1.41 -19.95
CA ASP A 200 12.75 -2.76 -20.22
C ASP A 200 11.67 -3.87 -20.23
N TRP A 201 10.42 -3.56 -19.93
CA TRP A 201 9.28 -4.53 -19.99
C TRP A 201 9.09 -5.02 -21.43
N GLN A 202 9.18 -4.13 -22.43
CA GLN A 202 9.24 -4.51 -23.87
C GLN A 202 7.98 -5.30 -24.21
N GLY A 203 6.84 -4.84 -23.72
CA GLY A 203 5.51 -5.45 -23.92
C GLY A 203 5.40 -6.82 -23.28
N GLY A 204 6.33 -7.20 -22.40
CA GLY A 204 6.39 -8.54 -21.77
C GLY A 204 7.37 -9.45 -22.48
N ASP A 205 7.99 -8.99 -23.57
CA ASP A 205 8.86 -9.87 -24.41
C ASP A 205 10.33 -9.52 -24.17
N TYR A 206 10.71 -9.29 -22.92
CA TYR A 206 12.08 -8.89 -22.55
C TYR A 206 12.98 -10.12 -22.42
N HIS A 207 12.36 -11.30 -22.26
CA HIS A 207 13.02 -12.58 -21.91
C HIS A 207 14.07 -12.91 -22.97
N GLY A 208 15.32 -13.10 -22.57
CA GLY A 208 16.42 -13.41 -23.50
C GLY A 208 16.91 -12.19 -24.25
N THR A 209 16.46 -10.98 -23.91
CA THR A 209 16.93 -9.72 -24.57
C THR A 209 18.17 -9.19 -23.84
N GLY A 210 18.52 -9.75 -22.67
CA GLY A 210 19.60 -9.22 -21.82
C GLY A 210 19.21 -7.96 -21.07
N ARG A 211 17.92 -7.56 -21.12
CA ARG A 211 17.36 -6.44 -20.32
C ARG A 211 16.02 -6.90 -19.76
N ALA A 212 15.76 -6.63 -18.48
CA ALA A 212 14.53 -7.07 -17.78
C ALA A 212 14.00 -5.89 -16.97
N PRO A 213 12.67 -5.78 -16.76
CA PRO A 213 12.12 -4.71 -15.90
C PRO A 213 12.26 -4.94 -14.39
N THR A 214 13.50 -5.15 -13.92
CA THR A 214 13.77 -5.46 -12.50
C THR A 214 13.49 -4.22 -11.65
N GLU A 215 13.75 -3.01 -12.16
CA GLU A 215 13.55 -1.76 -11.40
C GLU A 215 12.05 -1.59 -11.13
N GLY A 216 11.22 -1.81 -12.14
CA GLY A 216 9.74 -1.75 -11.97
C GLY A 216 9.31 -2.78 -10.93
N MET A 217 9.95 -3.95 -10.92
CA MET A 217 9.59 -5.08 -10.03
C MET A 217 10.04 -4.74 -8.62
N GLU A 218 11.22 -4.16 -8.46
CA GLU A 218 11.71 -3.68 -7.14
C GLU A 218 10.72 -2.65 -6.56
N ILE A 219 10.21 -1.70 -7.36
CA ILE A 219 9.22 -0.69 -6.89
C ILE A 219 7.98 -1.46 -6.37
N ALA A 220 7.44 -2.37 -7.18
CA ALA A 220 6.22 -3.16 -6.86
C ALA A 220 6.44 -3.91 -5.54
N ARG A 221 7.64 -4.49 -5.39
CA ARG A 221 8.03 -5.34 -4.22
C ARG A 221 8.14 -4.46 -2.98
N ARG A 222 8.64 -3.22 -3.12
CA ARG A 222 8.73 -2.30 -1.95
C ARG A 222 7.31 -2.03 -1.43
N PHE A 223 6.39 -1.68 -2.32
CA PHE A 223 4.98 -1.42 -1.92
C PHE A 223 4.33 -2.69 -1.38
N ALA A 224 4.53 -3.84 -2.04
CA ALA A 224 3.97 -5.15 -1.59
C ALA A 224 4.53 -5.50 -0.21
N HIS A 225 5.84 -5.33 0.01
CA HIS A 225 6.44 -5.66 1.34
C HIS A 225 5.74 -4.89 2.46
N LEU A 226 5.46 -3.59 2.28
CA LEU A 226 4.72 -2.80 3.30
C LEU A 226 3.34 -3.43 3.54
N THR A 227 2.63 -3.87 2.50
CA THR A 227 1.29 -4.47 2.71
C THR A 227 1.42 -5.75 3.52
N TYR A 228 2.59 -6.40 3.46
CA TYR A 228 2.82 -7.70 4.12
C TYR A 228 3.26 -7.49 5.57
N ARG A 229 3.60 -6.28 6.00
CA ARG A 229 4.20 -6.08 7.34
C ARG A 229 3.16 -5.53 8.32
N GLY A 230 3.47 -5.58 9.62
CA GLY A 230 2.66 -4.95 10.67
C GLY A 230 3.08 -3.50 10.83
N GLU A 231 2.12 -2.59 10.87
CA GLU A 231 2.40 -1.14 10.92
C GLU A 231 3.21 -0.82 12.19
N GLU A 232 2.72 -1.25 13.35
CA GLU A 232 3.37 -0.95 14.65
C GLU A 232 4.76 -1.57 14.69
N GLU A 233 4.91 -2.81 14.27
CA GLU A 233 6.21 -3.51 14.34
C GLU A 233 7.26 -2.75 13.51
N LEU A 234 6.88 -2.30 12.32
CA LEU A 234 7.75 -1.53 11.41
C LEU A 234 8.29 -0.30 12.16
N ASP A 235 7.39 0.43 12.84
CA ASP A 235 7.73 1.69 13.54
C ASP A 235 8.60 1.38 14.77
N ASP A 236 8.31 0.31 15.49
CA ASP A 236 9.17 -0.18 16.61
C ASP A 236 10.57 -0.52 16.07
N ARG A 237 10.68 -1.11 14.89
CA ARG A 237 11.98 -1.57 14.34
C ARG A 237 12.80 -0.40 13.78
N PHE A 238 12.18 0.52 13.04
CA PHE A 238 12.94 1.53 12.24
C PHE A 238 12.63 2.96 12.66
N ALA A 239 11.40 3.19 13.14
CA ALA A 239 10.81 4.52 13.31
C ALA A 239 11.26 5.42 12.15
N ASN A 240 11.65 6.67 12.46
CA ASN A 240 12.15 7.64 11.44
C ASN A 240 13.67 7.71 11.50
N THR A 241 14.35 6.67 11.96
CA THR A 241 15.81 6.72 12.15
C THR A 241 16.49 6.70 10.79
N PRO A 242 17.64 7.39 10.65
CA PRO A 242 18.40 7.37 9.39
C PRO A 242 19.10 6.03 9.19
N GLN A 243 19.44 5.71 7.94
CA GLN A 243 20.39 4.64 7.55
C GLN A 243 21.79 5.04 8.03
N ASP A 244 22.44 4.15 8.79
CA ASP A 244 23.83 4.32 9.33
C ASP A 244 24.28 5.79 9.34
N ASP A 245 25.17 6.15 8.40
CA ASP A 245 26.00 7.39 8.39
C ASP A 245 25.43 8.37 7.37
N GLU A 246 24.11 8.38 7.17
CA GLU A 246 23.45 9.20 6.14
C GLU A 246 22.55 10.23 6.83
N ASP A 247 22.35 11.38 6.19
CA ASP A 247 21.51 12.51 6.67
C ASP A 247 20.29 12.68 5.76
N PRO A 248 19.11 12.16 6.15
CA PRO A 248 17.88 12.34 5.37
C PRO A 248 17.48 13.79 5.09
N LEU A 249 17.87 14.78 5.92
CA LEU A 249 17.53 16.20 5.64
C LEU A 249 18.39 16.76 4.50
N THR A 250 19.42 16.05 4.04
CA THR A 250 20.23 16.49 2.87
C THR A 250 20.35 15.34 1.85
N GLY A 251 19.29 14.54 1.67
CA GLY A 251 19.16 13.53 0.59
C GLY A 251 19.63 12.12 0.96
N GLY A 252 20.02 11.86 2.21
CA GLY A 252 20.37 10.52 2.68
C GLY A 252 19.10 9.68 2.86
N ARG A 253 19.25 8.41 3.23
CA ARG A 253 18.11 7.47 3.32
C ARG A 253 17.70 7.30 4.79
N TYR A 254 16.41 7.08 5.04
CA TYR A 254 15.87 6.55 6.30
C TYR A 254 16.21 5.05 6.35
N ALA A 255 16.30 4.47 7.55
CA ALA A 255 16.54 3.03 7.77
C ALA A 255 15.45 2.18 7.10
N VAL A 256 14.17 2.49 7.29
CA VAL A 256 13.09 1.71 6.63
C VAL A 256 13.25 1.75 5.10
N GLN A 257 13.65 2.89 4.56
CA GLN A 257 13.85 3.12 3.11
C GLN A 257 14.94 2.16 2.60
N SER A 258 16.10 2.15 3.25
CA SER A 258 17.27 1.29 2.96
C SER A 258 16.82 -0.18 2.98
N TYR A 259 16.02 -0.50 4.00
CA TYR A 259 15.48 -1.84 4.20
C TYR A 259 14.62 -2.22 2.98
N LEU A 260 13.66 -1.36 2.57
CA LEU A 260 12.78 -1.66 1.42
C LEU A 260 13.61 -1.80 0.15
N GLU A 261 14.65 -0.97 -0.02
CA GLU A 261 15.60 -1.10 -1.16
C GLU A 261 16.19 -2.51 -1.19
N TYR A 262 16.69 -2.98 -0.05
CA TYR A 262 17.30 -4.30 0.14
C TYR A 262 16.30 -5.43 -0.24
N GLN A 263 15.07 -5.36 0.27
CA GLN A 263 13.98 -6.34 -0.02
C GLN A 263 13.73 -6.39 -1.53
N GLY A 264 13.67 -5.22 -2.18
CA GLY A 264 13.54 -5.10 -3.63
C GLY A 264 14.66 -5.85 -4.35
N GLY A 265 15.91 -5.59 -3.95
CA GLY A 265 17.09 -6.18 -4.59
C GLY A 265 17.13 -7.68 -4.39
N LYS A 266 16.86 -8.16 -3.17
CA LYS A 266 16.72 -9.63 -2.90
C LYS A 266 15.80 -10.25 -3.96
N LEU A 267 14.60 -9.71 -4.17
CA LEU A 267 13.62 -10.36 -5.08
C LEU A 267 14.22 -10.38 -6.49
N ALA A 268 14.76 -9.25 -6.95
CA ALA A 268 15.32 -9.13 -8.32
C ALA A 268 16.39 -10.22 -8.55
N ARG A 269 17.05 -10.70 -7.50
CA ARG A 269 18.13 -11.71 -7.65
C ARG A 269 17.58 -13.12 -7.88
N ARG A 270 16.29 -13.37 -7.69
CA ARG A 270 15.76 -14.75 -7.69
C ARG A 270 14.41 -14.88 -8.39
N PHE A 271 13.76 -13.81 -8.86
CA PHE A 271 12.33 -13.85 -9.27
C PHE A 271 12.08 -13.07 -10.56
N ASP A 272 11.22 -13.60 -11.43
CA ASP A 272 11.03 -13.04 -12.79
C ASP A 272 9.87 -12.04 -12.79
N PRO A 273 10.06 -10.82 -13.36
CA PRO A 273 9.00 -9.81 -13.41
C PRO A 273 7.72 -10.25 -14.12
N GLY A 274 7.85 -10.98 -15.22
CA GLY A 274 6.73 -11.54 -16.00
C GLY A 274 5.93 -12.48 -15.14
N THR A 275 6.60 -13.32 -14.33
CA THR A 275 5.92 -14.21 -13.35
C THR A 275 5.17 -13.35 -12.31
N TYR A 276 5.82 -12.31 -11.80
CA TYR A 276 5.20 -11.36 -10.84
C TYR A 276 3.88 -10.87 -11.42
N VAL A 277 3.88 -10.47 -12.70
CA VAL A 277 2.67 -9.87 -13.34
C VAL A 277 1.60 -10.95 -13.42
N VAL A 278 1.93 -12.11 -13.98
CA VAL A 278 0.93 -13.21 -14.22
C VAL A 278 0.31 -13.68 -12.89
N LEU A 279 1.12 -13.82 -11.83
CA LEU A 279 0.61 -14.29 -10.50
C LEU A 279 -0.16 -13.20 -9.78
N SER A 280 0.25 -11.92 -9.90
CA SER A 280 -0.51 -10.77 -9.33
C SER A 280 -1.89 -10.67 -10.01
N ASP A 281 -1.98 -10.86 -11.33
CA ASP A 281 -3.31 -10.86 -12.03
C ASP A 281 -4.15 -12.08 -11.57
N ALA A 282 -3.53 -13.23 -11.36
CA ALA A 282 -4.18 -14.46 -10.86
C ALA A 282 -4.76 -14.15 -9.46
N LEU A 283 -3.99 -13.46 -8.63
CA LEU A 283 -4.48 -13.03 -7.28
C LEU A 283 -5.68 -12.09 -7.40
N SER A 284 -5.69 -11.18 -8.38
CA SER A 284 -6.80 -10.23 -8.59
C SER A 284 -8.07 -10.99 -8.99
N SER A 285 -7.88 -12.14 -9.66
CA SER A 285 -8.90 -13.04 -10.24
C SER A 285 -9.51 -13.91 -9.13
N HIS A 286 -8.94 -13.92 -7.92
CA HIS A 286 -9.41 -14.86 -6.86
C HIS A 286 -10.87 -14.52 -6.53
N ASP A 287 -11.73 -15.52 -6.59
CA ASP A 287 -13.17 -15.40 -6.27
C ASP A 287 -13.77 -16.81 -6.25
N VAL A 288 -13.91 -17.40 -5.07
CA VAL A 288 -14.48 -18.77 -4.97
C VAL A 288 -15.93 -18.74 -5.42
N GLY A 289 -16.52 -17.56 -5.48
CA GLY A 289 -17.96 -17.39 -5.79
C GLY A 289 -18.22 -17.33 -7.29
N ARG A 290 -17.20 -17.16 -8.12
CA ARG A 290 -17.39 -16.95 -9.57
C ARG A 290 -18.07 -18.19 -10.18
N GLY A 291 -19.10 -17.95 -10.98
CA GLY A 291 -19.86 -19.04 -11.62
C GLY A 291 -20.55 -19.95 -10.61
N ARG A 292 -20.59 -19.60 -9.31
CA ARG A 292 -21.24 -20.43 -8.27
C ARG A 292 -22.34 -19.67 -7.52
N GLY A 293 -22.67 -18.45 -7.95
CA GLY A 293 -23.69 -17.63 -7.28
C GLY A 293 -23.10 -16.75 -6.19
N GLY A 294 -21.78 -16.64 -6.13
CA GLY A 294 -21.11 -15.76 -5.16
C GLY A 294 -20.54 -16.53 -3.98
N VAL A 295 -19.82 -15.80 -3.13
CA VAL A 295 -18.99 -16.35 -2.05
C VAL A 295 -19.88 -17.14 -1.09
N GLU A 296 -21.03 -16.61 -0.66
CA GLU A 296 -21.82 -17.32 0.39
C GLU A 296 -22.25 -18.69 -0.15
N ALA A 297 -22.81 -18.72 -1.36
CA ALA A 297 -23.30 -19.97 -2.00
C ALA A 297 -22.16 -20.96 -2.20
N ALA A 298 -20.99 -20.54 -2.71
CA ALA A 298 -19.81 -21.39 -2.93
C ALA A 298 -19.37 -22.06 -1.61
N LEU A 299 -19.21 -21.26 -0.57
CA LEU A 299 -18.69 -21.77 0.72
C LEU A 299 -19.75 -22.63 1.43
N ARG A 300 -21.00 -22.19 1.51
CA ARG A 300 -22.07 -23.00 2.17
C ARG A 300 -22.19 -24.37 1.50
N SER A 301 -21.85 -24.48 0.20
CA SER A 301 -21.91 -25.72 -0.62
C SER A 301 -20.81 -26.69 -0.21
N CYS A 302 -19.71 -26.22 0.40
CA CYS A 302 -18.49 -27.04 0.61
C CYS A 302 -18.53 -27.79 1.93
N PRO A 303 -18.63 -29.15 1.92
CA PRO A 303 -18.75 -29.93 3.15
C PRO A 303 -17.41 -30.26 3.83
N VAL A 304 -16.28 -29.85 3.25
CA VAL A 304 -14.94 -30.29 3.71
C VAL A 304 -14.59 -29.65 5.05
N PRO A 305 -14.12 -30.47 6.03
CA PRO A 305 -13.50 -29.96 7.25
C PRO A 305 -12.28 -29.08 6.95
N VAL A 306 -12.28 -27.84 7.46
CA VAL A 306 -11.25 -26.83 7.08
C VAL A 306 -10.84 -26.10 8.35
N VAL A 307 -9.53 -26.03 8.61
CA VAL A 307 -9.00 -25.11 9.64
C VAL A 307 -8.71 -23.78 8.93
N VAL A 308 -9.26 -22.67 9.45
CA VAL A 308 -9.06 -21.29 8.91
C VAL A 308 -8.24 -20.48 9.92
N GLY A 309 -7.10 -19.94 9.47
CA GLY A 309 -6.16 -19.11 10.24
C GLY A 309 -6.12 -17.70 9.69
N GLY A 310 -6.13 -16.72 10.58
CA GLY A 310 -5.90 -15.30 10.28
C GLY A 310 -4.82 -14.74 11.19
N ILE A 311 -4.10 -13.74 10.71
CA ILE A 311 -3.17 -12.96 11.55
C ILE A 311 -3.80 -11.62 11.99
N THR A 312 -3.77 -11.37 13.30
CA THR A 312 -4.29 -10.16 13.99
C THR A 312 -3.86 -8.87 13.25
N SER A 313 -2.56 -8.70 12.98
CA SER A 313 -1.98 -7.46 12.40
C SER A 313 -1.97 -7.49 10.85
N ASP A 314 -2.54 -8.49 10.19
CA ASP A 314 -2.55 -8.57 8.70
C ASP A 314 -3.29 -7.35 8.12
N ARG A 315 -2.60 -6.54 7.30
CA ARG A 315 -3.18 -5.30 6.70
C ARG A 315 -3.64 -5.53 5.25
N LEU A 316 -3.27 -6.65 4.64
CA LEU A 316 -3.55 -6.98 3.23
C LEU A 316 -4.74 -7.95 3.14
N TYR A 317 -4.78 -8.99 3.98
CA TYR A 317 -5.94 -9.90 4.11
C TYR A 317 -6.44 -9.77 5.54
N PRO A 318 -7.14 -8.68 5.89
CA PRO A 318 -7.47 -8.44 7.29
C PRO A 318 -8.42 -9.52 7.82
N ILE A 319 -8.42 -9.57 9.14
CA ILE A 319 -9.01 -10.67 9.94
C ILE A 319 -10.50 -10.84 9.59
N ARG A 320 -11.19 -9.77 9.18
CA ARG A 320 -12.64 -9.83 8.83
C ARG A 320 -12.86 -10.85 7.71
N LEU A 321 -11.89 -11.01 6.82
CA LEU A 321 -11.97 -11.96 5.68
C LEU A 321 -11.93 -13.42 6.17
N GLN A 322 -11.03 -13.75 7.12
CA GLN A 322 -10.94 -15.13 7.66
C GLN A 322 -12.13 -15.37 8.57
N GLN A 323 -12.66 -14.34 9.26
CA GLN A 323 -13.95 -14.48 10.02
C GLN A 323 -15.05 -14.89 9.05
N GLU A 324 -15.13 -14.26 7.88
CA GLU A 324 -16.24 -14.55 6.92
C GLU A 324 -16.09 -15.99 6.44
N LEU A 325 -14.89 -16.45 6.05
CA LEU A 325 -14.61 -17.86 5.61
C LEU A 325 -15.07 -18.86 6.67
N ALA A 326 -14.60 -18.65 7.91
CA ALA A 326 -14.85 -19.56 9.04
C ALA A 326 -16.36 -19.74 9.27
N GLU A 327 -17.11 -18.63 9.17
CA GLU A 327 -18.57 -18.53 9.44
C GLU A 327 -19.32 -19.27 8.32
N LEU A 328 -18.86 -19.18 7.08
CA LEU A 328 -19.66 -19.71 5.95
C LEU A 328 -19.33 -21.16 5.59
N LEU A 329 -18.08 -21.59 5.74
CA LEU A 329 -17.69 -23.01 5.56
C LEU A 329 -18.34 -23.84 6.66
N PRO A 330 -19.26 -24.77 6.32
CA PRO A 330 -19.91 -25.57 7.35
C PRO A 330 -18.92 -26.53 8.02
N GLY A 331 -17.79 -26.85 7.38
CA GLY A 331 -16.79 -27.78 7.92
C GLY A 331 -15.76 -27.07 8.79
N CYS A 332 -15.86 -25.76 8.94
CA CYS A 332 -14.93 -24.98 9.80
C CYS A 332 -15.54 -24.80 11.19
N GLN A 333 -14.89 -25.31 12.22
CA GLN A 333 -15.47 -25.31 13.58
C GLN A 333 -15.41 -23.87 14.16
N GLY A 334 -14.42 -23.08 13.76
CA GLY A 334 -14.36 -21.62 13.99
C GLY A 334 -12.98 -21.07 13.65
N LEU A 335 -12.79 -19.77 13.80
CA LEU A 335 -11.56 -19.07 13.37
C LEU A 335 -10.42 -19.36 14.35
N ASP A 336 -9.24 -19.67 13.83
CA ASP A 336 -7.96 -19.63 14.58
C ASP A 336 -7.25 -18.33 14.25
N VAL A 337 -6.76 -17.65 15.28
CA VAL A 337 -6.07 -16.35 15.13
C VAL A 337 -4.61 -16.57 15.50
N VAL A 338 -3.70 -16.18 14.62
CA VAL A 338 -2.24 -16.16 14.92
C VAL A 338 -1.97 -14.76 15.45
N ASP A 339 -1.70 -14.68 16.75
CA ASP A 339 -1.41 -13.42 17.47
C ASP A 339 0.03 -13.10 17.11
N SER A 340 0.24 -12.37 16.02
CA SER A 340 1.56 -11.97 15.50
C SER A 340 1.60 -10.46 15.25
N ILE A 341 2.76 -9.88 15.49
CA ILE A 341 3.07 -8.44 15.23
C ILE A 341 3.57 -8.29 13.79
N TYR A 342 3.79 -9.39 13.06
CA TYR A 342 4.54 -9.38 11.77
C TYR A 342 3.61 -9.22 10.57
N GLY A 343 2.34 -8.90 10.81
CA GLY A 343 1.43 -8.65 9.69
C GLY A 343 1.17 -9.92 8.90
N HIS A 344 0.74 -9.77 7.65
CA HIS A 344 0.48 -10.84 6.67
C HIS A 344 1.63 -11.85 6.63
N ASP A 345 2.89 -11.39 6.59
CA ASP A 345 4.07 -12.28 6.52
C ASP A 345 4.18 -13.18 7.75
N GLY A 346 3.43 -12.92 8.83
CA GLY A 346 3.35 -13.80 10.02
C GLY A 346 3.00 -15.25 9.69
N PHE A 347 2.36 -15.55 8.55
CA PHE A 347 2.04 -16.94 8.18
C PHE A 347 3.32 -17.68 7.79
N LEU A 348 4.39 -16.97 7.40
CA LEU A 348 5.73 -17.53 7.10
C LEU A 348 6.67 -17.43 8.32
N VAL A 349 6.56 -16.34 9.09
CA VAL A 349 7.45 -16.02 10.24
C VAL A 349 7.04 -16.85 11.46
N GLU A 350 5.74 -16.93 11.78
CA GLU A 350 5.27 -17.62 13.02
C GLU A 350 5.17 -19.14 12.83
N THR A 351 6.29 -19.80 12.52
CA THR A 351 6.31 -21.24 12.18
C THR A 351 5.83 -22.10 13.38
N GLU A 352 6.08 -21.69 14.63
CA GLU A 352 5.57 -22.45 15.81
C GLU A 352 4.02 -22.34 15.87
N LEU A 353 3.45 -21.14 15.77
CA LEU A 353 1.98 -20.95 15.88
C LEU A 353 1.28 -21.57 14.65
N VAL A 354 1.81 -21.35 13.46
CA VAL A 354 1.25 -21.98 12.24
C VAL A 354 1.47 -23.49 12.30
N GLY A 355 2.64 -23.94 12.75
CA GLY A 355 2.97 -25.34 13.10
C GLY A 355 1.83 -26.04 13.84
N LYS A 356 1.26 -25.41 14.87
CA LYS A 356 0.17 -26.02 15.67
C LYS A 356 -1.12 -26.15 14.84
N LEU A 357 -1.45 -25.18 13.99
CA LEU A 357 -2.70 -25.24 13.16
C LEU A 357 -2.55 -26.33 12.10
N ILE A 358 -1.33 -26.50 11.58
CA ILE A 358 -0.99 -27.60 10.63
C ILE A 358 -1.16 -28.95 11.32
N ARG A 359 -0.62 -29.12 12.55
CA ARG A 359 -0.74 -30.38 13.32
C ARG A 359 -2.22 -30.71 13.46
N ARG A 360 -3.08 -29.77 13.83
CA ARG A 360 -4.51 -30.11 14.08
C ARG A 360 -5.19 -30.46 12.75
N THR A 361 -4.80 -29.79 11.67
CA THR A 361 -5.38 -30.05 10.32
C THR A 361 -5.11 -31.51 9.94
N LEU A 362 -3.88 -31.97 10.14
CA LEU A 362 -3.43 -33.32 9.72
C LEU A 362 -3.92 -34.40 10.70
N GLU A 363 -4.07 -34.05 11.99
CA GLU A 363 -4.77 -34.92 12.97
C GLU A 363 -6.18 -35.21 12.44
N LEU A 364 -6.90 -34.15 12.09
CA LEU A 364 -8.23 -34.21 11.45
C LEU A 364 -8.15 -35.02 10.15
N ALA A 365 -7.18 -34.74 9.28
CA ALA A 365 -7.06 -35.39 7.94
C ALA A 365 -6.88 -36.91 8.14
N GLN A 366 -6.08 -37.32 9.12
CA GLN A 366 -5.80 -38.76 9.36
C GLN A 366 -7.11 -39.46 9.76
N ARG A 367 -7.87 -38.90 10.72
CA ARG A 367 -9.13 -39.51 11.17
C ARG A 367 -10.10 -39.61 9.99
N LEU A 368 -10.28 -38.51 9.26
CA LEU A 368 -11.18 -38.47 8.08
C LEU A 368 -10.73 -39.51 7.04
N GLU A 369 -9.43 -39.59 6.74
CA GLU A 369 -8.96 -40.51 5.68
C GLU A 369 -9.21 -41.96 6.10
N HIS A 370 -8.94 -42.29 7.36
CA HIS A 370 -9.12 -43.66 7.89
C HIS A 370 -10.58 -44.08 7.66
N HIS A 371 -11.51 -43.11 7.76
CA HIS A 371 -12.97 -43.29 7.62
C HIS A 371 -13.48 -42.88 6.23
N HIS A 372 -12.63 -42.79 5.21
CA HIS A 372 -13.06 -42.41 3.84
C HIS A 372 -12.71 -43.54 2.88
N HIS A 373 -13.71 -44.08 2.20
CA HIS A 373 -13.60 -45.31 1.37
C HIS A 373 -13.89 -44.96 -0.09
N HIS A 374 -12.85 -45.08 -0.92
CA HIS A 374 -12.81 -44.58 -2.32
C HIS A 374 -11.97 -45.50 -3.18
N HIS A 375 -12.19 -45.46 -4.49
CA HIS A 375 -11.32 -46.12 -5.50
C HIS A 375 -10.19 -45.16 -5.89
N ALA B 1 4.85 50.44 2.66
CA ALA B 1 3.53 49.77 2.44
C ALA B 1 3.67 48.29 2.76
N THR B 2 2.63 47.70 3.34
CA THR B 2 2.42 46.24 3.35
C THR B 2 1.97 45.84 1.94
N VAL B 3 2.10 44.55 1.59
CA VAL B 3 1.38 43.94 0.44
C VAL B 3 -0.10 43.93 0.81
N PRO B 4 -1.02 44.44 -0.04
CA PRO B 4 -2.46 44.34 0.26
C PRO B 4 -2.92 42.90 0.09
N LEU B 5 -3.95 42.49 0.82
CA LEU B 5 -4.61 41.17 0.61
C LEU B 5 -5.21 41.17 -0.79
N PRO B 6 -5.28 40.01 -1.47
CA PRO B 6 -6.03 39.92 -2.72
C PRO B 6 -7.53 40.14 -2.41
N ALA B 7 -8.33 40.55 -3.40
CA ALA B 7 -9.80 40.55 -3.27
C ALA B 7 -10.26 39.15 -2.87
N GLU B 8 -11.39 39.05 -2.17
CA GLU B 8 -11.89 37.74 -1.68
C GLU B 8 -11.93 36.76 -2.85
N GLY B 9 -11.43 35.55 -2.62
CA GLY B 9 -11.41 34.45 -3.60
C GLY B 9 -10.26 34.51 -4.58
N GLU B 10 -9.65 35.68 -4.80
CA GLU B 10 -8.64 35.85 -5.89
C GLU B 10 -7.23 35.49 -5.37
N ILE B 11 -6.39 34.95 -6.23
CA ILE B 11 -4.98 34.57 -5.87
C ILE B 11 -4.16 35.86 -5.81
N GLY B 12 -3.44 36.10 -4.71
CA GLY B 12 -2.34 37.09 -4.65
C GLY B 12 -0.99 36.40 -4.52
N LEU B 13 0.07 37.00 -5.06
CA LEU B 13 1.45 36.47 -5.00
C LEU B 13 2.22 37.36 -4.04
N VAL B 14 2.67 36.81 -2.92
CA VAL B 14 3.39 37.58 -1.89
C VAL B 14 4.87 37.23 -1.99
N HIS B 15 5.67 38.18 -2.46
CA HIS B 15 7.14 38.01 -2.58
C HIS B 15 7.72 38.16 -1.17
N ILE B 16 8.50 37.18 -0.69
CA ILE B 16 9.04 37.21 0.70
C ILE B 16 10.57 37.28 0.64
N GLY B 17 11.18 37.25 -0.54
CA GLY B 17 12.65 37.40 -0.65
C GLY B 17 13.34 36.13 -0.22
N ALA B 18 14.60 36.20 0.18
CA ALA B 18 15.39 34.99 0.47
C ALA B 18 14.90 34.37 1.78
N LEU B 19 14.95 33.03 1.87
CA LEU B 19 14.48 32.23 3.04
C LEU B 19 15.59 31.26 3.44
N THR B 20 16.06 31.32 4.68
CA THR B 20 17.07 30.35 5.23
C THR B 20 16.31 29.09 5.66
N LEU B 21 16.73 27.95 5.13
CA LEU B 21 16.09 26.63 5.32
C LEU B 21 16.84 25.85 6.41
N GLU B 22 16.14 24.90 7.01
CA GLU B 22 16.60 24.17 8.21
C GLU B 22 17.92 23.44 7.91
N ASN B 23 18.09 22.91 6.69
CA ASN B 23 19.34 22.19 6.31
C ASN B 23 20.48 23.18 6.05
N GLY B 24 20.24 24.49 6.18
CA GLY B 24 21.26 25.56 6.02
C GLY B 24 21.16 26.27 4.67
N THR B 25 20.84 25.53 3.60
CA THR B 25 20.65 26.06 2.22
C THR B 25 19.78 27.33 2.29
N VAL B 26 20.17 28.35 1.54
CA VAL B 26 19.37 29.61 1.39
C VAL B 26 18.68 29.54 0.03
N LEU B 27 17.36 29.71 0.03
CA LEU B 27 16.51 29.74 -1.19
C LEU B 27 16.14 31.19 -1.49
N PRO B 28 16.66 31.79 -2.57
CA PRO B 28 16.38 33.19 -2.88
C PRO B 28 15.01 33.36 -3.53
N ASP B 29 14.50 34.59 -3.42
CA ASP B 29 13.42 35.12 -4.28
C ASP B 29 12.21 34.19 -4.17
N VAL B 30 11.77 33.91 -2.95
CA VAL B 30 10.57 33.07 -2.70
C VAL B 30 9.31 33.92 -2.89
N THR B 31 8.31 33.35 -3.56
CA THR B 31 6.95 33.89 -3.68
C THR B 31 6.00 32.89 -3.04
N ILE B 32 5.02 33.36 -2.28
CA ILE B 32 3.97 32.51 -1.70
C ILE B 32 2.63 33.01 -2.22
N ALA B 33 1.88 32.13 -2.87
CA ALA B 33 0.52 32.41 -3.35
C ALA B 33 -0.41 32.39 -2.15
N VAL B 34 -1.40 33.28 -2.11
CA VAL B 34 -2.38 33.36 -1.00
C VAL B 34 -3.78 33.54 -1.60
N GLN B 35 -4.79 33.03 -0.93
CA GLN B 35 -6.20 33.40 -1.18
C GLN B 35 -6.81 33.62 0.18
N ARG B 36 -7.83 34.45 0.29
CA ARG B 36 -8.46 34.68 1.60
C ARG B 36 -9.94 34.94 1.38
N TRP B 37 -10.70 34.71 2.44
CA TRP B 37 -12.17 34.89 2.55
C TRP B 37 -12.47 35.64 3.85
N GLY B 38 -13.28 36.70 3.77
CA GLY B 38 -13.67 37.55 4.92
C GLY B 38 -12.71 38.72 5.06
N GLU B 39 -13.14 39.73 5.81
CA GLU B 39 -12.38 40.99 6.02
C GLU B 39 -11.38 40.81 7.16
N LEU B 40 -10.18 41.38 6.97
CA LEU B 40 -9.17 41.49 8.04
C LEU B 40 -9.70 42.53 9.03
N ALA B 41 -9.81 42.18 10.32
CA ALA B 41 -10.27 43.10 11.37
C ALA B 41 -9.29 44.27 11.47
N PRO B 42 -9.77 45.44 11.94
CA PRO B 42 -8.92 46.63 12.07
C PRO B 42 -7.66 46.31 12.87
N ASP B 43 -7.79 45.49 13.91
CA ASP B 43 -6.64 45.16 14.80
C ASP B 43 -5.80 44.01 14.21
N ARG B 44 -6.16 43.49 13.03
CA ARG B 44 -5.46 42.41 12.28
C ARG B 44 -5.39 41.14 13.15
N GLY B 45 -6.33 40.97 14.09
CA GLY B 45 -6.32 39.92 15.13
C GLY B 45 -7.23 38.73 14.84
N ASN B 46 -7.86 38.63 13.66
CA ASN B 46 -8.90 37.61 13.38
C ASN B 46 -8.48 36.67 12.24
N VAL B 47 -7.19 36.37 12.06
CA VAL B 47 -6.72 35.47 10.97
C VAL B 47 -6.85 34.01 11.43
N VAL B 48 -7.49 33.20 10.58
CA VAL B 48 -7.52 31.72 10.71
C VAL B 48 -6.75 31.19 9.51
N MET B 49 -5.56 30.67 9.76
CA MET B 49 -4.65 30.12 8.73
C MET B 49 -5.12 28.70 8.37
N VAL B 50 -5.47 28.46 7.12
CA VAL B 50 -5.90 27.14 6.61
C VAL B 50 -4.74 26.53 5.82
N LEU B 51 -4.27 25.37 6.30
CA LEU B 51 -3.02 24.74 5.86
C LEU B 51 -3.40 23.47 5.10
N HIS B 52 -3.19 23.49 3.78
CA HIS B 52 -3.61 22.39 2.88
C HIS B 52 -2.67 21.19 3.02
N ALA B 53 -3.10 20.06 2.45
CA ALA B 53 -2.39 18.77 2.53
C ALA B 53 -1.62 18.56 1.21
N LEU B 54 -1.13 17.34 0.98
CA LEU B 54 -0.10 17.02 -0.03
C LEU B 54 -0.42 17.62 -1.41
N THR B 55 -1.62 17.39 -1.97
CA THR B 55 -1.97 17.85 -3.34
C THR B 55 -3.00 18.99 -3.29
N GLY B 56 -3.25 19.62 -2.14
CA GLY B 56 -4.14 20.81 -2.05
C GLY B 56 -3.39 22.07 -2.48
N ASP B 57 -4.08 23.21 -2.44
CA ASP B 57 -3.50 24.52 -2.83
C ASP B 57 -4.19 25.60 -1.97
N SER B 58 -4.14 26.87 -2.40
CA SER B 58 -4.72 27.99 -1.63
C SER B 58 -6.26 27.96 -1.73
N HIS B 59 -6.82 27.15 -2.63
CA HIS B 59 -8.25 27.19 -3.04
C HIS B 59 -9.07 26.32 -2.08
N VAL B 60 -9.34 26.87 -0.90
CA VAL B 60 -10.02 26.15 0.22
C VAL B 60 -11.48 25.95 -0.15
N THR B 61 -12.10 26.98 -0.73
CA THR B 61 -13.55 27.03 -0.94
C THR B 61 -13.88 27.68 -2.29
N GLY B 62 -15.02 27.29 -2.88
CA GLY B 62 -15.57 27.86 -4.12
C GLY B 62 -15.51 26.86 -5.27
N PRO B 63 -16.05 27.24 -6.45
CA PRO B 63 -16.15 26.34 -7.60
C PRO B 63 -14.83 26.29 -8.37
N ALA B 64 -14.64 25.24 -9.20
CA ALA B 64 -13.56 25.17 -10.21
C ALA B 64 -13.86 26.22 -11.27
N GLY B 65 -12.91 26.48 -12.18
CA GLY B 65 -13.01 27.49 -13.25
C GLY B 65 -12.09 28.67 -12.95
N ASP B 66 -12.10 29.70 -13.79
CA ASP B 66 -11.37 30.99 -13.58
C ASP B 66 -9.99 30.75 -12.92
N GLY B 67 -9.14 29.91 -13.52
CA GLY B 67 -7.75 29.68 -13.07
C GLY B 67 -7.62 28.60 -11.99
N HIS B 68 -8.70 27.87 -11.66
CA HIS B 68 -8.74 26.76 -10.67
C HIS B 68 -9.13 25.43 -11.29
N PRO B 69 -8.21 24.42 -11.35
CA PRO B 69 -8.50 23.15 -11.99
C PRO B 69 -9.59 22.38 -11.23
N THR B 70 -9.69 22.56 -9.89
CA THR B 70 -10.69 21.90 -9.01
C THR B 70 -11.45 22.92 -8.17
N ALA B 71 -12.59 22.50 -7.62
CA ALA B 71 -13.33 23.23 -6.55
C ALA B 71 -12.46 23.27 -5.30
N GLY B 72 -12.87 24.05 -4.30
CA GLY B 72 -12.22 24.12 -2.98
C GLY B 72 -12.01 22.73 -2.40
N TRP B 73 -10.79 22.46 -1.93
CA TRP B 73 -10.45 21.15 -1.33
C TRP B 73 -11.18 20.96 0.02
N TRP B 74 -11.72 22.03 0.59
CA TRP B 74 -12.59 22.04 1.80
C TRP B 74 -13.85 22.93 1.53
N ASP B 75 -14.52 22.71 0.41
CA ASP B 75 -15.60 23.60 -0.08
C ASP B 75 -16.67 23.75 1.01
N GLY B 76 -17.00 25.00 1.34
CA GLY B 76 -18.09 25.34 2.28
C GLY B 76 -17.58 25.52 3.69
N VAL B 77 -16.32 25.20 3.96
CA VAL B 77 -15.79 25.21 5.37
C VAL B 77 -15.63 26.66 5.78
N ALA B 78 -15.32 27.54 4.81
CA ALA B 78 -15.15 29.00 4.98
C ALA B 78 -16.23 29.71 4.18
N GLY B 79 -16.89 30.68 4.83
CA GLY B 79 -17.99 31.45 4.26
C GLY B 79 -18.86 32.05 5.36
N PRO B 80 -19.85 32.88 4.98
CA PRO B 80 -20.81 33.42 5.93
C PRO B 80 -21.61 32.28 6.56
N GLY B 81 -21.63 32.19 7.89
CA GLY B 81 -22.35 31.14 8.64
C GLY B 81 -21.53 29.88 8.82
N ALA B 82 -20.51 29.71 7.98
CA ALA B 82 -19.67 28.49 7.85
C ALA B 82 -18.89 28.21 9.14
N PRO B 83 -18.36 26.98 9.30
CA PRO B 83 -17.45 26.66 10.41
C PRO B 83 -16.32 27.69 10.61
N ILE B 84 -15.68 28.13 9.52
CA ILE B 84 -14.82 29.35 9.53
C ILE B 84 -15.70 30.51 9.07
N ASP B 85 -16.39 31.16 10.00
CA ASP B 85 -17.42 32.20 9.69
C ASP B 85 -16.74 33.49 9.25
N THR B 86 -16.73 33.76 7.95
CA THR B 86 -15.97 34.88 7.31
C THR B 86 -16.60 36.22 7.69
N ASP B 87 -17.80 36.23 8.30
CA ASP B 87 -18.42 37.42 8.92
C ASP B 87 -17.59 37.88 10.14
N HIS B 88 -16.78 37.00 10.74
CA HIS B 88 -15.97 37.32 11.95
C HIS B 88 -14.50 37.07 11.68
N TRP B 89 -14.21 36.08 10.85
CA TRP B 89 -12.83 35.58 10.67
C TRP B 89 -12.35 35.95 9.28
N CYS B 90 -11.03 36.11 9.17
CA CYS B 90 -10.33 36.21 7.87
C CYS B 90 -9.62 34.88 7.62
N ALA B 91 -10.21 34.01 6.80
CA ALA B 91 -9.66 32.70 6.39
C ALA B 91 -8.59 32.94 5.32
N ILE B 92 -7.34 32.64 5.63
CA ILE B 92 -6.20 32.79 4.69
C ILE B 92 -5.59 31.41 4.46
N ALA B 93 -5.43 31.03 3.20
CA ALA B 93 -4.70 29.82 2.80
C ALA B 93 -3.56 30.21 1.86
N THR B 94 -2.37 29.67 2.11
CA THR B 94 -1.22 29.72 1.19
C THR B 94 -1.24 28.47 0.30
N ASN B 95 -0.56 28.54 -0.85
CA ASN B 95 0.09 27.38 -1.50
C ASN B 95 1.44 27.19 -0.79
N VAL B 96 1.70 25.98 -0.33
CA VAL B 96 2.85 25.65 0.57
C VAL B 96 4.13 25.92 -0.21
N LEU B 97 5.19 26.26 0.50
CA LEU B 97 6.56 26.20 -0.08
C LEU B 97 6.79 24.80 -0.67
N GLY B 98 7.29 24.76 -1.91
CA GLY B 98 7.49 23.51 -2.66
C GLY B 98 6.35 23.20 -3.62
N GLY B 99 5.21 23.91 -3.53
CA GLY B 99 3.98 23.60 -4.31
C GLY B 99 4.05 24.03 -5.77
N CYS B 100 2.98 23.81 -6.54
CA CYS B 100 3.00 24.01 -8.01
C CYS B 100 1.77 24.81 -8.44
N ARG B 101 1.17 25.56 -7.52
CA ARG B 101 -0.07 26.35 -7.80
C ARG B 101 0.16 27.81 -7.37
N GLY B 102 1.37 28.33 -7.58
CA GLY B 102 1.64 29.76 -7.35
C GLY B 102 2.81 30.05 -6.46
N SER B 103 3.14 29.14 -5.53
CA SER B 103 4.31 29.33 -4.65
C SER B 103 5.58 28.78 -5.33
N THR B 104 6.73 29.22 -4.82
CA THR B 104 8.06 28.73 -5.24
C THR B 104 8.17 27.22 -5.00
N GLY B 105 8.36 26.46 -6.08
CA GLY B 105 8.65 25.03 -6.04
C GLY B 105 9.61 24.65 -7.15
N PRO B 106 9.79 23.34 -7.39
CA PRO B 106 10.78 22.85 -8.36
C PRO B 106 10.51 23.32 -9.82
N GLY B 107 9.25 23.61 -10.13
CA GLY B 107 8.80 24.03 -11.47
C GLY B 107 9.00 25.54 -11.67
N SER B 108 9.04 26.32 -10.59
CA SER B 108 9.23 27.80 -10.58
C SER B 108 10.61 28.16 -11.15
N LEU B 109 10.73 29.35 -11.77
CA LEU B 109 11.99 29.85 -12.38
C LEU B 109 12.93 30.32 -11.27
N ALA B 110 14.12 29.73 -11.23
CA ALA B 110 15.23 30.14 -10.35
C ALA B 110 15.78 31.50 -10.81
N PRO B 111 16.64 32.17 -10.03
CA PRO B 111 17.17 33.48 -10.45
C PRO B 111 17.88 33.46 -11.82
N ASP B 112 18.46 32.33 -12.24
CA ASP B 112 19.12 32.21 -13.59
C ASP B 112 18.04 32.02 -14.66
N GLY B 113 16.76 32.14 -14.31
CA GLY B 113 15.63 32.09 -15.26
C GLY B 113 15.30 30.67 -15.73
N LYS B 114 16.00 29.64 -15.25
CA LYS B 114 15.70 28.21 -15.57
C LYS B 114 14.91 27.59 -14.41
N PRO B 115 14.04 26.59 -14.64
CA PRO B 115 13.32 25.95 -13.55
C PRO B 115 14.29 25.44 -12.48
N TRP B 116 13.92 25.56 -11.22
CA TRP B 116 14.73 25.02 -10.08
C TRP B 116 15.11 23.57 -10.33
N GLY B 117 14.13 22.72 -10.68
CA GLY B 117 14.34 21.28 -10.91
C GLY B 117 15.19 20.63 -9.83
N SER B 118 16.28 19.97 -10.24
CA SER B 118 17.25 19.25 -9.38
C SER B 118 18.04 20.21 -8.49
N ARG B 119 18.01 21.53 -8.73
CA ARG B 119 18.65 22.54 -7.83
C ARG B 119 17.71 22.89 -6.66
N PHE B 120 16.45 22.49 -6.70
CA PHE B 120 15.51 22.85 -5.61
C PHE B 120 15.96 22.14 -4.34
N PRO B 121 16.14 22.86 -3.22
CA PRO B 121 16.61 22.21 -1.99
C PRO B 121 15.57 21.29 -1.32
N GLN B 122 16.06 20.40 -0.46
CA GLN B 122 15.21 19.58 0.42
C GLN B 122 14.63 20.52 1.46
N ILE B 123 13.31 20.56 1.59
CA ILE B 123 12.65 21.44 2.57
C ILE B 123 11.99 20.54 3.61
N THR B 124 11.75 21.10 4.79
CA THR B 124 11.03 20.42 5.88
C THR B 124 9.70 21.12 6.13
N ILE B 125 8.88 20.49 6.93
CA ILE B 125 7.62 21.09 7.45
C ILE B 125 7.98 22.43 8.09
N ARG B 126 9.10 22.49 8.83
CA ARG B 126 9.44 23.73 9.58
C ARG B 126 9.69 24.87 8.57
N ASP B 127 10.30 24.55 7.43
CA ASP B 127 10.55 25.53 6.36
C ASP B 127 9.23 26.02 5.78
N GLN B 128 8.24 25.14 5.67
CA GLN B 128 6.89 25.51 5.14
C GLN B 128 6.23 26.54 6.07
N VAL B 129 6.35 26.35 7.39
CA VAL B 129 5.80 27.25 8.44
C VAL B 129 6.52 28.61 8.32
N ALA B 130 7.86 28.63 8.22
CA ALA B 130 8.67 29.87 8.13
C ALA B 130 8.19 30.68 6.90
N ALA B 131 7.94 30.02 5.77
CA ALA B 131 7.55 30.67 4.52
C ALA B 131 6.14 31.25 4.68
N ASP B 132 5.19 30.49 5.24
CA ASP B 132 3.81 31.00 5.47
C ASP B 132 3.84 32.22 6.38
N ARG B 133 4.69 32.20 7.40
CA ARG B 133 4.74 33.26 8.43
C ARG B 133 5.27 34.55 7.77
N ALA B 134 6.24 34.40 6.87
CA ALA B 134 6.88 35.49 6.10
C ALA B 134 5.82 36.14 5.19
N ALA B 135 4.97 35.34 4.57
CA ALA B 135 3.87 35.83 3.71
C ALA B 135 2.93 36.70 4.55
N LEU B 136 2.45 36.16 5.69
CA LEU B 136 1.55 36.88 6.63
C LEU B 136 2.19 38.21 7.06
N ALA B 137 3.46 38.22 7.47
CA ALA B 137 4.19 39.43 7.90
C ALA B 137 4.21 40.48 6.76
N ALA B 138 4.47 40.07 5.53
CA ALA B 138 4.49 40.98 4.35
C ALA B 138 3.10 41.61 4.18
N LEU B 139 2.04 40.88 4.51
CA LEU B 139 0.64 41.39 4.51
C LEU B 139 0.33 42.21 5.77
N GLY B 140 1.29 42.37 6.68
CA GLY B 140 1.15 43.13 7.93
C GLY B 140 0.52 42.33 9.07
N ILE B 141 0.57 40.99 9.00
CA ILE B 141 -0.05 40.03 9.98
C ILE B 141 1.08 39.31 10.73
N THR B 142 1.20 39.55 12.05
CA THR B 142 2.27 38.98 12.92
C THR B 142 1.68 37.98 13.94
N GLU B 143 0.35 37.96 14.10
CA GLU B 143 -0.35 37.08 15.07
C GLU B 143 -1.52 36.44 14.32
N VAL B 144 -1.83 35.20 14.68
CA VAL B 144 -2.96 34.44 14.11
C VAL B 144 -3.83 34.00 15.29
N ALA B 145 -5.15 34.07 15.15
CA ALA B 145 -6.14 33.54 16.11
C ALA B 145 -6.02 32.02 16.15
N ALA B 146 -5.98 31.36 14.99
CA ALA B 146 -5.93 29.89 14.89
C ALA B 146 -5.22 29.43 13.62
N VAL B 147 -4.57 28.26 13.72
CA VAL B 147 -4.12 27.40 12.59
C VAL B 147 -4.96 26.12 12.58
N VAL B 148 -5.39 25.71 11.39
CA VAL B 148 -6.23 24.51 11.11
C VAL B 148 -5.65 23.77 9.90
N GLY B 149 -5.36 22.47 10.04
CA GLY B 149 -5.02 21.58 8.92
C GLY B 149 -5.12 20.11 9.27
N GLY B 150 -5.37 19.28 8.25
CA GLY B 150 -5.20 17.82 8.27
C GLY B 150 -4.07 17.32 7.38
N SER B 151 -3.51 16.15 7.73
CA SER B 151 -2.42 15.42 7.01
C SER B 151 -1.15 16.28 7.02
N MET B 152 -0.53 16.54 5.86
CA MET B 152 0.62 17.50 5.76
C MET B 152 0.24 18.85 6.38
N GLY B 153 -1.04 19.21 6.35
CA GLY B 153 -1.63 20.43 6.95
C GLY B 153 -1.68 20.37 8.45
N GLY B 154 -1.97 19.19 8.99
CA GLY B 154 -1.83 18.88 10.42
C GLY B 154 -0.38 18.99 10.86
N ALA B 155 0.58 18.52 10.05
CA ALA B 155 2.00 18.59 10.42
C ALA B 155 2.39 20.07 10.51
N ARG B 156 1.97 20.86 9.51
CA ARG B 156 2.24 22.31 9.45
C ARG B 156 1.58 22.95 10.67
N ALA B 157 0.29 22.66 10.92
CA ALA B 157 -0.43 23.25 12.07
C ALA B 157 0.37 22.99 13.35
N LEU B 158 0.80 21.74 13.55
CA LEU B 158 1.47 21.30 14.80
C LEU B 158 2.81 22.03 14.98
N GLU B 159 3.65 22.05 13.95
CA GLU B 159 4.97 22.73 13.98
C GLU B 159 4.74 24.21 14.26
N TRP B 160 3.68 24.81 13.70
CA TRP B 160 3.33 26.24 13.93
C TRP B 160 3.09 26.42 15.44
N LEU B 161 2.21 25.61 16.01
CA LEU B 161 1.74 25.70 17.42
C LEU B 161 2.96 25.50 18.32
N VAL B 162 3.80 24.54 17.98
CA VAL B 162 4.89 24.09 18.88
C VAL B 162 6.07 25.06 18.74
N THR B 163 6.36 25.52 17.54
CA THR B 163 7.50 26.46 17.30
C THR B 163 7.13 27.87 17.78
N HIS B 164 5.88 28.33 17.62
CA HIS B 164 5.53 29.76 17.83
C HIS B 164 4.29 29.90 18.70
N PRO B 165 4.31 29.34 19.93
CA PRO B 165 3.12 29.33 20.78
C PRO B 165 2.62 30.74 21.16
N ASP B 166 3.50 31.75 21.17
CA ASP B 166 3.15 33.17 21.51
C ASP B 166 2.41 33.88 20.36
N ASP B 167 2.35 33.31 19.15
CA ASP B 167 1.79 33.94 17.93
C ASP B 167 0.51 33.24 17.41
N VAL B 168 -0.04 32.26 18.15
CA VAL B 168 -1.30 31.54 17.78
C VAL B 168 -2.15 31.40 19.03
N ARG B 169 -3.46 31.60 18.97
CA ARG B 169 -4.32 31.51 20.19
C ARG B 169 -4.82 30.07 20.36
N ALA B 170 -5.04 29.35 19.25
CA ALA B 170 -5.62 27.99 19.23
C ALA B 170 -5.30 27.26 17.92
N GLY B 171 -5.32 25.93 17.96
CA GLY B 171 -5.02 25.05 16.83
C GLY B 171 -5.97 23.87 16.66
N LEU B 172 -6.14 23.44 15.42
CA LEU B 172 -6.78 22.17 15.02
C LEU B 172 -5.75 21.35 14.25
N VAL B 173 -5.34 20.24 14.85
CA VAL B 173 -4.39 19.26 14.27
C VAL B 173 -5.21 18.00 13.97
N LEU B 174 -5.41 17.73 12.67
CA LEU B 174 -6.25 16.59 12.16
C LEU B 174 -5.34 15.55 11.50
N ALA B 175 -5.53 14.28 11.83
CA ALA B 175 -5.10 13.13 10.98
C ALA B 175 -3.60 13.26 10.68
N VAL B 176 -2.79 13.35 11.73
CA VAL B 176 -1.31 13.41 11.63
C VAL B 176 -0.75 12.87 12.95
N GLY B 177 0.54 12.58 13.00
CA GLY B 177 1.24 12.23 14.24
C GLY B 177 2.35 13.23 14.54
N ALA B 178 2.99 13.10 15.71
CA ALA B 178 4.07 14.00 16.19
C ALA B 178 5.27 13.92 15.24
N ARG B 179 5.46 12.77 14.62
CA ARG B 179 6.62 12.48 13.72
C ARG B 179 6.19 11.47 12.65
N ALA B 180 6.89 11.43 11.50
CA ALA B 180 6.64 10.41 10.46
C ALA B 180 6.90 9.04 11.08
N THR B 181 6.07 8.06 10.77
CA THR B 181 6.26 6.64 11.17
C THR B 181 7.12 5.93 10.13
N ALA B 182 7.63 4.75 10.46
CA ALA B 182 8.37 3.92 9.49
C ALA B 182 7.45 3.60 8.29
N ASP B 183 6.17 3.28 8.54
CA ASP B 183 5.26 2.92 7.42
C ASP B 183 5.08 4.12 6.47
N GLN B 184 4.88 5.33 7.01
CA GLN B 184 4.65 6.58 6.22
C GLN B 184 5.89 6.87 5.37
N ILE B 185 7.06 6.82 5.96
CA ILE B 185 8.35 6.99 5.22
C ILE B 185 8.50 5.89 4.18
N GLY B 186 8.15 4.64 4.50
CA GLY B 186 8.21 3.52 3.54
C GLY B 186 7.45 3.87 2.26
N THR B 187 6.18 4.22 2.41
CA THR B 187 5.28 4.47 1.26
C THR B 187 5.68 5.79 0.60
N GLN B 188 5.97 6.83 1.38
CA GLN B 188 6.38 8.18 0.86
C GLN B 188 7.67 8.05 0.03
N SER B 189 8.68 7.38 0.58
CA SER B 189 10.00 7.23 -0.07
C SER B 189 9.88 6.34 -1.31
N THR B 190 8.98 5.35 -1.30
CA THR B 190 8.76 4.45 -2.45
C THR B 190 7.97 5.18 -3.53
N GLN B 191 7.01 6.04 -3.16
CA GLN B 191 6.27 6.90 -4.12
C GLN B 191 7.31 7.77 -4.84
N VAL B 192 8.24 8.34 -4.09
CA VAL B 192 9.35 9.15 -4.67
C VAL B 192 10.16 8.27 -5.62
N ALA B 193 10.50 7.04 -5.24
CA ALA B 193 11.36 6.15 -6.08
C ALA B 193 10.64 5.81 -7.37
N ALA B 194 9.31 5.66 -7.33
CA ALA B 194 8.50 5.37 -8.51
C ALA B 194 8.63 6.53 -9.52
N ILE B 195 8.63 7.78 -9.04
CA ILE B 195 8.71 8.99 -9.90
C ILE B 195 10.14 9.05 -10.50
N LYS B 196 11.17 8.88 -9.66
CA LYS B 196 12.59 8.85 -10.09
C LYS B 196 12.91 7.66 -10.98
N ALA B 197 12.14 6.57 -10.95
CA ALA B 197 12.36 5.43 -11.86
C ALA B 197 11.88 5.74 -13.28
N ASP B 198 10.87 6.59 -13.45
CA ASP B 198 10.33 6.96 -14.79
C ASP B 198 11.47 7.64 -15.57
N PRO B 199 11.85 7.18 -16.78
CA PRO B 199 13.00 7.78 -17.48
C PRO B 199 12.79 9.26 -17.84
N ASP B 200 11.54 9.73 -17.87
CA ASP B 200 11.20 11.14 -18.14
C ASP B 200 11.55 12.03 -16.94
N TRP B 201 11.87 11.48 -15.75
CA TRP B 201 12.30 12.28 -14.57
C TRP B 201 13.49 13.18 -14.92
N GLN B 202 14.42 12.67 -15.74
CA GLN B 202 15.61 13.40 -16.24
C GLN B 202 16.30 14.12 -15.08
N GLY B 203 16.60 13.39 -14.01
CA GLY B 203 17.32 13.87 -12.81
C GLY B 203 16.54 14.95 -12.09
N GLY B 204 15.25 15.14 -12.41
CA GLY B 204 14.43 16.23 -11.86
C GLY B 204 14.46 17.52 -12.69
N ASP B 205 15.19 17.55 -13.80
CA ASP B 205 15.25 18.73 -14.70
C ASP B 205 14.39 18.47 -15.94
N TYR B 206 13.22 17.84 -15.78
CA TYR B 206 12.32 17.54 -16.92
C TYR B 206 11.55 18.82 -17.31
N HIS B 207 11.43 19.81 -16.43
CA HIS B 207 10.59 21.03 -16.63
C HIS B 207 11.01 21.74 -17.92
N GLY B 208 10.09 21.90 -18.89
CA GLY B 208 10.37 22.62 -20.15
C GLY B 208 10.91 21.74 -21.26
N THR B 209 11.21 20.45 -21.00
CA THR B 209 11.72 19.50 -22.02
C THR B 209 10.60 18.88 -22.85
N GLY B 210 9.33 19.02 -22.44
CA GLY B 210 8.17 18.39 -23.09
C GLY B 210 8.01 16.89 -22.78
N ARG B 211 8.81 16.34 -21.88
CA ARG B 211 8.59 15.00 -21.28
C ARG B 211 8.61 15.19 -19.76
N ALA B 212 7.63 14.63 -19.06
CA ALA B 212 7.55 14.67 -17.58
C ALA B 212 7.32 13.25 -17.12
N PRO B 213 7.73 12.88 -15.90
CA PRO B 213 7.47 11.53 -15.36
C PRO B 213 6.05 11.39 -14.76
N THR B 214 5.03 11.69 -15.56
CA THR B 214 3.62 11.64 -15.13
C THR B 214 3.21 10.18 -14.89
N GLU B 215 3.78 9.25 -15.67
CA GLU B 215 3.56 7.79 -15.49
C GLU B 215 3.98 7.38 -14.07
N GLY B 216 5.24 7.63 -13.71
CA GLY B 216 5.74 7.46 -12.33
C GLY B 216 4.82 8.09 -11.31
N MET B 217 4.40 9.33 -11.53
CA MET B 217 3.60 10.07 -10.53
C MET B 217 2.20 9.44 -10.43
N GLU B 218 1.67 8.93 -11.55
CA GLU B 218 0.37 8.21 -11.53
C GLU B 218 0.51 6.95 -10.67
N ILE B 219 1.61 6.22 -10.83
CA ILE B 219 1.86 5.00 -10.02
C ILE B 219 1.86 5.40 -8.54
N ALA B 220 2.66 6.42 -8.20
CA ALA B 220 2.80 6.90 -6.81
C ALA B 220 1.43 7.25 -6.24
N ARG B 221 0.63 7.98 -7.00
CA ARG B 221 -0.69 8.52 -6.58
C ARG B 221 -1.66 7.33 -6.37
N ARG B 222 -1.57 6.32 -7.21
CA ARG B 222 -2.42 5.10 -7.10
C ARG B 222 -2.14 4.39 -5.77
N PHE B 223 -0.87 4.21 -5.43
CA PHE B 223 -0.49 3.64 -4.11
C PHE B 223 -0.91 4.58 -2.99
N ALA B 224 -0.65 5.88 -3.11
CA ALA B 224 -0.96 6.87 -2.05
C ALA B 224 -2.49 6.88 -1.81
N HIS B 225 -3.27 6.83 -2.88
CA HIS B 225 -4.75 6.91 -2.79
C HIS B 225 -5.29 5.73 -1.98
N LEU B 226 -4.74 4.55 -2.19
CA LEU B 226 -5.09 3.36 -1.37
C LEU B 226 -4.80 3.65 0.11
N THR B 227 -3.63 4.20 0.49
CA THR B 227 -3.31 4.53 1.91
C THR B 227 -4.32 5.53 2.49
N TYR B 228 -4.95 6.35 1.66
CA TYR B 228 -5.94 7.37 2.10
C TYR B 228 -7.33 6.75 2.28
N ARG B 229 -7.60 5.55 1.76
CA ARG B 229 -8.98 4.98 1.76
C ARG B 229 -9.20 4.17 3.03
N GLY B 230 -10.47 4.08 3.46
CA GLY B 230 -10.95 3.03 4.36
C GLY B 230 -11.02 1.69 3.61
N GLU B 231 -10.39 0.66 4.16
CA GLU B 231 -10.33 -0.69 3.52
C GLU B 231 -11.74 -1.22 3.25
N GLU B 232 -12.62 -1.23 4.25
CA GLU B 232 -13.98 -1.78 4.15
C GLU B 232 -14.80 -0.90 3.21
N GLU B 233 -14.73 0.42 3.30
CA GLU B 233 -15.51 1.30 2.38
C GLU B 233 -15.12 0.98 0.94
N LEU B 234 -13.83 0.80 0.68
CA LEU B 234 -13.32 0.62 -0.70
C LEU B 234 -13.91 -0.68 -1.27
N ASP B 235 -13.91 -1.74 -0.46
CA ASP B 235 -14.46 -3.05 -0.87
C ASP B 235 -15.98 -2.94 -1.01
N ASP B 236 -16.67 -2.24 -0.11
CA ASP B 236 -18.14 -1.98 -0.24
C ASP B 236 -18.44 -1.23 -1.54
N ARG B 237 -17.56 -0.35 -1.99
CA ARG B 237 -17.82 0.50 -3.20
C ARG B 237 -17.58 -0.32 -4.46
N PHE B 238 -16.47 -1.03 -4.59
CA PHE B 238 -16.00 -1.67 -5.85
C PHE B 238 -16.04 -3.19 -5.81
N ALA B 239 -15.81 -3.76 -4.62
CA ALA B 239 -15.48 -5.19 -4.45
C ALA B 239 -14.47 -5.61 -5.51
N ASN B 240 -14.75 -6.74 -6.16
CA ASN B 240 -13.95 -7.23 -7.29
C ASN B 240 -14.78 -7.11 -8.56
N THR B 241 -15.74 -6.19 -8.59
CA THR B 241 -16.62 -5.99 -9.76
C THR B 241 -15.76 -5.49 -10.92
N PRO B 242 -16.12 -5.91 -12.14
CA PRO B 242 -15.45 -5.42 -13.35
C PRO B 242 -15.85 -3.96 -13.62
N GLN B 243 -15.02 -3.26 -14.39
CA GLN B 243 -15.37 -1.95 -15.01
C GLN B 243 -16.45 -2.20 -16.07
N ASP B 244 -17.61 -1.54 -15.96
CA ASP B 244 -18.67 -1.57 -17.02
C ASP B 244 -18.93 -3.02 -17.46
N ASP B 245 -18.73 -3.32 -18.75
CA ASP B 245 -18.97 -4.63 -19.42
C ASP B 245 -17.65 -5.34 -19.69
N GLU B 246 -16.51 -4.77 -19.28
CA GLU B 246 -15.16 -5.34 -19.43
C GLU B 246 -15.08 -6.67 -18.69
N ASP B 247 -14.26 -7.59 -19.19
CA ASP B 247 -14.06 -8.93 -18.61
C ASP B 247 -12.61 -9.00 -18.14
N PRO B 248 -12.34 -8.92 -16.81
CA PRO B 248 -10.96 -9.02 -16.31
C PRO B 248 -10.25 -10.37 -16.57
N LEU B 249 -10.95 -11.46 -16.84
CA LEU B 249 -10.32 -12.77 -17.17
C LEU B 249 -9.70 -12.80 -18.59
N THR B 250 -9.97 -11.79 -19.44
CA THR B 250 -9.37 -11.64 -20.79
C THR B 250 -8.73 -10.25 -20.96
N GLY B 251 -8.41 -9.56 -19.86
CA GLY B 251 -7.59 -8.32 -19.88
C GLY B 251 -8.39 -7.06 -19.62
N GLY B 252 -9.68 -7.18 -19.32
CA GLY B 252 -10.52 -6.03 -18.95
C GLY B 252 -10.06 -5.52 -17.59
N ARG B 253 -10.58 -4.38 -17.14
CA ARG B 253 -10.20 -3.78 -15.85
C ARG B 253 -11.27 -4.09 -14.81
N TYR B 254 -10.85 -4.19 -13.54
CA TYR B 254 -11.72 -4.14 -12.34
C TYR B 254 -12.12 -2.69 -12.14
N ALA B 255 -13.32 -2.49 -11.58
CA ALA B 255 -13.87 -1.16 -11.25
C ALA B 255 -12.87 -0.40 -10.37
N VAL B 256 -12.26 -1.01 -9.36
CA VAL B 256 -11.29 -0.25 -8.50
C VAL B 256 -10.09 0.17 -9.34
N GLN B 257 -9.64 -0.65 -10.27
CA GLN B 257 -8.41 -0.40 -11.09
C GLN B 257 -8.65 0.82 -11.98
N SER B 258 -9.83 0.85 -12.55
CA SER B 258 -10.33 1.94 -13.40
C SER B 258 -10.41 3.22 -12.56
N TYR B 259 -10.99 3.15 -11.36
CA TYR B 259 -11.04 4.30 -10.42
C TYR B 259 -9.58 4.75 -10.11
N LEU B 260 -8.67 3.82 -9.84
CA LEU B 260 -7.26 4.22 -9.55
C LEU B 260 -6.62 4.88 -10.77
N GLU B 261 -6.90 4.40 -11.99
CA GLU B 261 -6.38 5.00 -13.26
C GLU B 261 -6.91 6.43 -13.44
N TYR B 262 -8.19 6.66 -13.17
CA TYR B 262 -8.82 8.01 -13.09
C TYR B 262 -8.08 8.86 -12.05
N GLN B 263 -7.84 8.33 -10.85
CA GLN B 263 -7.12 9.13 -9.81
C GLN B 263 -5.75 9.60 -10.32
N GLY B 264 -4.94 8.70 -10.88
CA GLY B 264 -3.61 9.05 -11.43
C GLY B 264 -3.74 10.06 -12.55
N GLY B 265 -4.67 9.82 -13.47
CA GLY B 265 -4.90 10.70 -14.65
C GLY B 265 -5.32 12.10 -14.26
N LYS B 266 -6.24 12.23 -13.30
CA LYS B 266 -6.75 13.52 -12.78
C LYS B 266 -5.57 14.28 -12.13
N LEU B 267 -4.79 13.64 -11.27
CA LEU B 267 -3.67 14.34 -10.61
C LEU B 267 -2.66 14.77 -11.69
N ALA B 268 -2.48 13.99 -12.74
CA ALA B 268 -1.48 14.30 -13.79
C ALA B 268 -1.89 15.59 -14.54
N ARG B 269 -3.18 15.90 -14.63
CA ARG B 269 -3.66 17.14 -15.32
C ARG B 269 -3.42 18.39 -14.45
N ARG B 270 -3.16 18.29 -13.13
CA ARG B 270 -3.20 19.48 -12.20
C ARG B 270 -1.96 19.64 -11.30
N PHE B 271 -1.03 18.68 -11.24
CA PHE B 271 -0.01 18.57 -10.19
C PHE B 271 1.32 18.21 -10.82
N ASP B 272 2.40 18.80 -10.34
CA ASP B 272 3.76 18.62 -10.88
C ASP B 272 4.46 17.47 -10.16
N PRO B 273 5.10 16.53 -10.90
CA PRO B 273 5.90 15.47 -10.27
C PRO B 273 7.01 15.94 -9.29
N GLY B 274 7.75 17.00 -9.64
CA GLY B 274 8.81 17.55 -8.77
C GLY B 274 8.26 18.03 -7.44
N THR B 275 7.09 18.65 -7.45
CA THR B 275 6.41 19.09 -6.20
C THR B 275 6.03 17.83 -5.39
N TYR B 276 5.51 16.81 -6.06
CA TYR B 276 5.11 15.52 -5.42
C TYR B 276 6.30 15.00 -4.60
N VAL B 277 7.45 14.95 -5.24
CA VAL B 277 8.72 14.44 -4.64
C VAL B 277 9.11 15.31 -3.46
N VAL B 278 9.13 16.64 -3.66
CA VAL B 278 9.65 17.59 -2.66
C VAL B 278 8.73 17.56 -1.43
N LEU B 279 7.40 17.56 -1.62
CA LEU B 279 6.46 17.57 -0.46
C LEU B 279 6.45 16.19 0.22
N SER B 280 6.54 15.11 -0.56
CA SER B 280 6.69 13.73 -0.02
C SER B 280 7.93 13.66 0.90
N ASP B 281 9.08 14.22 0.50
CA ASP B 281 10.30 14.26 1.36
C ASP B 281 10.05 15.14 2.61
N ALA B 282 9.26 16.22 2.52
CA ALA B 282 8.97 17.04 3.73
C ALA B 282 8.11 16.23 4.72
N LEU B 283 7.18 15.44 4.21
CA LEU B 283 6.35 14.55 5.05
C LEU B 283 7.24 13.52 5.76
N SER B 284 8.28 13.02 5.09
CA SER B 284 9.15 11.99 5.68
C SER B 284 9.99 12.59 6.80
N SER B 285 10.27 13.90 6.68
CA SER B 285 11.10 14.76 7.56
C SER B 285 10.28 15.17 8.80
N HIS B 286 8.96 14.95 8.79
CA HIS B 286 8.10 15.40 9.89
C HIS B 286 8.58 14.77 11.21
N ASP B 287 8.89 15.64 12.17
CA ASP B 287 9.44 15.24 13.48
C ASP B 287 9.50 16.46 14.41
N VAL B 288 8.43 16.62 15.18
CA VAL B 288 8.24 17.78 16.08
C VAL B 288 9.32 17.75 17.19
N GLY B 289 10.01 16.61 17.37
CA GLY B 289 10.99 16.42 18.45
C GLY B 289 12.41 16.68 17.98
N ARG B 290 12.65 16.75 16.68
CA ARG B 290 14.01 16.96 16.12
C ARG B 290 14.61 18.25 16.71
N GLY B 291 15.79 18.17 17.33
CA GLY B 291 16.49 19.33 17.93
C GLY B 291 15.87 19.83 19.22
N ARG B 292 14.94 19.09 19.82
CA ARG B 292 14.10 19.58 20.95
C ARG B 292 14.00 18.55 22.09
N GLY B 293 14.82 17.51 22.07
CA GLY B 293 14.86 16.45 23.09
C GLY B 293 13.86 15.36 22.79
N GLY B 294 13.31 15.35 21.56
CA GLY B 294 12.34 14.33 21.14
C GLY B 294 10.90 14.76 21.36
N VAL B 295 9.99 13.91 20.93
CA VAL B 295 8.56 14.22 20.66
C VAL B 295 7.88 14.60 22.00
N GLU B 296 8.14 13.84 23.05
CA GLU B 296 7.46 14.09 24.35
C GLU B 296 7.83 15.49 24.86
N ALA B 297 9.12 15.81 24.89
CA ALA B 297 9.63 17.09 25.40
C ALA B 297 8.99 18.22 24.60
N ALA B 298 9.03 18.15 23.26
CA ALA B 298 8.50 19.21 22.39
C ALA B 298 7.02 19.39 22.71
N LEU B 299 6.24 18.32 22.69
CA LEU B 299 4.78 18.47 22.86
C LEU B 299 4.45 18.96 24.26
N ARG B 300 5.12 18.44 25.28
CA ARG B 300 4.82 18.85 26.69
C ARG B 300 5.16 20.34 26.88
N SER B 301 6.02 20.94 26.02
CA SER B 301 6.47 22.36 26.05
C SER B 301 5.37 23.33 25.58
N CYS B 302 4.30 22.86 24.92
CA CYS B 302 3.37 23.72 24.13
C CYS B 302 2.15 24.10 24.95
N PRO B 303 1.97 25.39 25.29
CA PRO B 303 0.85 25.80 26.15
C PRO B 303 -0.45 26.04 25.37
N VAL B 304 -0.42 25.92 24.04
CA VAL B 304 -1.54 26.42 23.20
C VAL B 304 -2.73 25.49 23.34
N PRO B 305 -3.97 26.02 23.45
CA PRO B 305 -5.19 25.23 23.36
C PRO B 305 -5.27 24.57 21.98
N VAL B 306 -5.36 23.24 21.95
CA VAL B 306 -5.39 22.48 20.68
C VAL B 306 -6.53 21.48 20.70
N VAL B 307 -7.26 21.42 19.59
CA VAL B 307 -8.21 20.35 19.23
C VAL B 307 -7.44 19.35 18.34
N VAL B 308 -7.32 18.10 18.80
CA VAL B 308 -6.68 16.96 18.08
C VAL B 308 -7.79 16.02 17.60
N GLY B 309 -7.86 15.81 16.29
CA GLY B 309 -8.87 15.00 15.60
C GLY B 309 -8.23 13.84 14.87
N GLY B 310 -8.85 12.69 14.95
CA GLY B 310 -8.37 11.47 14.28
C GLY B 310 -9.53 10.73 13.66
N ILE B 311 -9.29 10.06 12.52
CA ILE B 311 -10.34 9.30 11.79
C ILE B 311 -10.19 7.83 12.19
N THR B 312 -11.28 7.19 12.64
CA THR B 312 -11.26 5.79 13.14
C THR B 312 -10.66 4.85 12.10
N SER B 313 -11.05 5.00 10.83
CA SER B 313 -10.67 4.06 9.76
C SER B 313 -9.36 4.50 9.10
N ASP B 314 -8.63 5.49 9.64
CA ASP B 314 -7.37 6.01 9.03
C ASP B 314 -6.33 4.89 9.05
N ARG B 315 -5.80 4.49 7.89
CA ARG B 315 -4.74 3.46 7.73
C ARG B 315 -3.36 4.07 7.47
N LEU B 316 -3.24 5.37 7.24
CA LEU B 316 -1.92 5.96 6.96
C LEU B 316 -1.40 6.67 8.22
N TYR B 317 -2.28 7.43 8.89
CA TYR B 317 -1.97 8.08 10.19
C TYR B 317 -2.93 7.45 11.20
N PRO B 318 -2.69 6.18 11.62
CA PRO B 318 -3.66 5.45 12.45
C PRO B 318 -3.91 6.21 13.76
N ILE B 319 -5.09 6.01 14.32
CA ILE B 319 -5.63 6.87 15.39
C ILE B 319 -4.77 6.76 16.65
N ARG B 320 -3.99 5.70 16.86
CA ARG B 320 -3.00 5.69 17.98
C ARG B 320 -2.09 6.93 17.89
N LEU B 321 -1.84 7.50 16.70
CA LEU B 321 -0.90 8.66 16.57
C LEU B 321 -1.58 9.93 17.11
N GLN B 322 -2.90 10.07 16.90
CA GLN B 322 -3.64 11.28 17.36
C GLN B 322 -3.88 11.13 18.88
N GLN B 323 -4.05 9.91 19.38
CA GLN B 323 -4.16 9.62 20.84
C GLN B 323 -2.86 10.02 21.53
N GLU B 324 -1.72 9.70 20.94
CA GLU B 324 -0.42 10.16 21.48
C GLU B 324 -0.43 11.70 21.54
N LEU B 325 -0.78 12.39 20.46
CA LEU B 325 -0.82 13.88 20.44
C LEU B 325 -1.75 14.44 21.52
N ALA B 326 -2.98 13.92 21.56
CA ALA B 326 -4.03 14.41 22.47
C ALA B 326 -3.52 14.33 23.90
N GLU B 327 -2.82 13.24 24.24
CA GLU B 327 -2.30 12.95 25.59
C GLU B 327 -1.17 13.93 25.95
N LEU B 328 -0.17 14.10 25.09
CA LEU B 328 1.07 14.83 25.45
C LEU B 328 0.89 16.36 25.39
N LEU B 329 0.03 16.91 24.53
CA LEU B 329 -0.23 18.37 24.43
C LEU B 329 -1.05 18.85 25.64
N PRO B 330 -0.50 19.68 26.56
CA PRO B 330 -1.22 20.09 27.76
C PRO B 330 -2.50 20.87 27.48
N GLY B 331 -2.54 21.55 26.34
CA GLY B 331 -3.68 22.33 25.88
C GLY B 331 -4.75 21.48 25.22
N CYS B 332 -4.55 20.16 25.05
CA CYS B 332 -5.59 19.27 24.48
C CYS B 332 -6.46 18.65 25.58
N GLN B 333 -7.78 18.79 25.51
CA GLN B 333 -8.69 18.26 26.55
C GLN B 333 -8.91 16.76 26.34
N GLY B 334 -8.61 16.24 25.14
CA GLY B 334 -8.68 14.80 24.82
C GLY B 334 -8.91 14.61 23.33
N LEU B 335 -8.82 13.37 22.84
CA LEU B 335 -8.91 13.09 21.40
C LEU B 335 -10.34 13.28 20.90
N ASP B 336 -10.49 14.05 19.83
CA ASP B 336 -11.77 14.14 19.09
C ASP B 336 -11.75 13.02 18.05
N VAL B 337 -12.71 12.11 18.17
CA VAL B 337 -12.78 10.87 17.35
C VAL B 337 -13.77 11.12 16.23
N VAL B 338 -13.28 11.03 14.99
CA VAL B 338 -14.17 11.16 13.80
C VAL B 338 -14.52 9.75 13.34
N ASP B 339 -15.75 9.38 13.62
CA ASP B 339 -16.38 8.08 13.29
C ASP B 339 -16.72 8.11 11.80
N SER B 340 -15.80 7.67 10.96
CA SER B 340 -15.95 7.74 9.50
C SER B 340 -15.47 6.44 8.86
N ILE B 341 -16.07 6.08 7.73
CA ILE B 341 -15.61 4.89 6.97
C ILE B 341 -14.55 5.28 5.94
N TYR B 342 -14.32 6.59 5.74
CA TYR B 342 -13.63 7.12 4.55
C TYR B 342 -12.13 7.21 4.79
N GLY B 343 -11.59 6.59 5.83
CA GLY B 343 -10.11 6.53 5.98
C GLY B 343 -9.48 7.87 6.25
N HIS B 344 -8.19 7.98 5.96
CA HIS B 344 -7.42 9.25 6.08
C HIS B 344 -8.18 10.39 5.38
N ASP B 345 -8.62 10.18 4.14
CA ASP B 345 -9.30 11.20 3.31
C ASP B 345 -10.60 11.62 4.01
N GLY B 346 -10.98 10.95 5.10
CA GLY B 346 -12.10 11.33 5.99
C GLY B 346 -12.05 12.80 6.37
N PHE B 347 -10.86 13.34 6.58
CA PHE B 347 -10.66 14.73 7.05
C PHE B 347 -11.05 15.70 5.93
N LEU B 348 -11.01 15.28 4.66
CA LEU B 348 -11.51 16.08 3.50
C LEU B 348 -12.99 15.76 3.23
N VAL B 349 -13.41 14.50 3.36
CA VAL B 349 -14.80 14.08 2.99
C VAL B 349 -15.78 14.54 4.07
N GLU B 350 -15.42 14.42 5.35
CA GLU B 350 -16.38 14.65 6.47
C GLU B 350 -16.40 16.13 6.89
N THR B 351 -16.77 17.02 5.96
CA THR B 351 -16.70 18.48 6.17
C THR B 351 -17.68 18.87 7.29
N GLU B 352 -18.81 18.16 7.45
CA GLU B 352 -19.75 18.44 8.57
C GLU B 352 -19.08 18.09 9.92
N LEU B 353 -18.50 16.93 10.10
CA LEU B 353 -17.92 16.48 11.40
C LEU B 353 -16.67 17.30 11.73
N VAL B 354 -15.83 17.55 10.71
CA VAL B 354 -14.61 18.41 10.81
C VAL B 354 -15.06 19.86 11.07
N GLY B 355 -16.17 20.28 10.46
CA GLY B 355 -16.76 21.61 10.68
C GLY B 355 -16.94 21.87 12.17
N LYS B 356 -17.47 20.89 12.91
CA LYS B 356 -17.70 20.99 14.37
C LYS B 356 -16.38 21.21 15.13
N LEU B 357 -15.32 20.49 14.78
CA LEU B 357 -13.99 20.61 15.45
C LEU B 357 -13.38 22.00 15.19
N ILE B 358 -13.57 22.52 13.97
CA ILE B 358 -13.15 23.90 13.55
C ILE B 358 -13.86 24.93 14.45
N ARG B 359 -15.21 24.89 14.54
CA ARG B 359 -16.01 25.77 15.45
C ARG B 359 -15.45 25.71 16.88
N ARG B 360 -15.19 24.52 17.42
CA ARG B 360 -14.65 24.38 18.79
C ARG B 360 -13.25 25.03 18.87
N THR B 361 -12.43 24.86 17.82
CA THR B 361 -11.10 25.51 17.73
C THR B 361 -11.31 27.02 17.82
N LEU B 362 -12.21 27.56 17.01
CA LEU B 362 -12.39 29.04 16.94
C LEU B 362 -13.03 29.57 18.21
N GLU B 363 -13.87 28.77 18.92
CA GLU B 363 -14.34 29.12 20.29
C GLU B 363 -13.14 29.33 21.22
N LEU B 364 -12.19 28.37 21.26
CA LEU B 364 -10.97 28.43 22.11
C LEU B 364 -10.13 29.68 21.75
N ALA B 365 -10.02 30.01 20.48
CA ALA B 365 -9.29 31.21 19.99
C ALA B 365 -9.93 32.46 20.64
N GLN B 366 -11.26 32.52 20.63
CA GLN B 366 -12.15 33.47 21.36
C GLN B 366 -12.62 34.55 20.38
N HSE C . 6.05 -12.40 1.21
CA HSE C . 5.33 -13.56 0.74
C HSE C . 5.70 -13.76 -0.71
C3 HSE C . 3.86 -13.40 1.07
O HSE C . 5.45 -14.80 -1.35
OXT HSE C . 6.42 -12.90 -1.21
C4 HSE C . 2.99 -13.00 -0.10
O3 HSE C . 1.64 -12.87 0.39
N HSE D . -5.98 13.15 -0.42
CA HSE D . -5.44 14.45 -0.05
C HSE D . -4.37 15.02 -0.94
C3 HSE D . -4.93 14.24 1.35
O HSE D . -4.07 14.50 -2.02
OXT HSE D . -3.82 16.07 -0.56
C4 HSE D . -3.85 13.18 1.36
O3 HSE D . -3.12 13.43 2.55
#